data_8IMG
#
_entry.id   8IMG
#
_cell.length_a   214.057
_cell.length_b   46.045
_cell.length_c   86.849
_cell.angle_alpha   90.00
_cell.angle_beta   113.94
_cell.angle_gamma   90.00
#
_symmetry.space_group_name_H-M   'C 1 2 1'
#
loop_
_entity.id
_entity.type
_entity.pdbx_description
1 polymer 'Cyclic GMP-AMP synthase'
2 non-polymer 'ZINC ION'
3 non-polymer '2-[2-hydroxy-2-oxoethyl-[3-(7-methoxy-4-methyl-2-oxidanylidene-chromen-3-yl)propanoyl]amino]ethanoic acid'
4 water water
#
_entity_poly.entity_id   1
_entity_poly.type   'polypeptide(L)'
_entity_poly.pdbx_seq_one_letter_code
;DAAPGASKLRAVLEKLKLSRDDISTAAGMVKGVVDHLLLRLKCDSAFRGVGLLNTGSYYEHVKISAPNEFDVMFKLEVPR
IQLEEYSNTRAYYFVKFKRNPKENPLSQFLEGEILSASKMLSKFRKIIKEEINDIKDTDVIMKRKRGGSPAVTLLISEKI
SVDITLALESKSSWPASTQEGLRIQNWLSAKVRKQLRLKPFYLVPKHAKEGNGFQEETWRLSFSHIEKEILNNHGKSKTC
CENKEEKCCRKDCLKLMKYLLEQLKERFKDKKHLDKFSSYHVKTAFFHVCTQNPQDSQWDRKDLGLCFDNCVTYFLQCLR
TEKLENYFIPEFNLFSSNLIDKRSKEFLTKQIEYERNNEFPVFDEF
;
_entity_poly.pdbx_strand_id   A,B
#
loop_
_chem_comp.id
_chem_comp.type
_chem_comp.name
_chem_comp.formula
7XZ non-polymer '2-[2-hydroxy-2-oxoethyl-[3-(7-methoxy-4-methyl-2-oxidanylidene-chromen-3-yl)propanoyl]amino]ethanoic acid' 'C18 H19 N O8'
ZN non-polymer 'ZINC ION' 'Zn 2'
#
# COMPACT_ATOMS: atom_id res chain seq x y z
N GLY A 5 -16.29 0.32 36.09
CA GLY A 5 -17.01 -0.77 35.46
C GLY A 5 -16.43 -1.20 34.12
N ALA A 6 -15.10 -1.37 34.07
CA ALA A 6 -14.45 -1.79 32.84
C ALA A 6 -14.85 -3.21 32.43
N SER A 7 -15.18 -4.06 33.41
CA SER A 7 -15.66 -5.39 33.08
C SER A 7 -16.97 -5.36 32.33
N LYS A 8 -17.82 -4.35 32.62
CA LYS A 8 -19.05 -4.19 31.87
C LYS A 8 -18.76 -3.91 30.39
N LEU A 9 -17.71 -3.12 30.12
CA LEU A 9 -17.31 -2.86 28.74
C LEU A 9 -16.90 -4.14 28.02
N ARG A 10 -16.13 -5.00 28.69
CA ARG A 10 -15.72 -6.23 28.03
C ARG A 10 -16.90 -7.16 27.81
N ALA A 11 -17.85 -7.18 28.75
CA ALA A 11 -19.09 -7.92 28.54
C ALA A 11 -19.81 -7.46 27.28
N VAL A 12 -19.85 -6.15 27.03
CA VAL A 12 -20.45 -5.64 25.80
C VAL A 12 -19.68 -6.14 24.59
N LEU A 13 -18.34 -6.02 24.62
CA LEU A 13 -17.54 -6.46 23.48
C LEU A 13 -17.71 -7.96 23.23
N GLU A 14 -17.86 -8.73 24.31
CA GLU A 14 -18.15 -10.16 24.17
C GLU A 14 -19.45 -10.36 23.41
N LYS A 15 -20.53 -9.70 23.87
CA LYS A 15 -21.83 -9.84 23.25
C LYS A 15 -21.80 -9.41 21.78
N LEU A 16 -21.05 -8.33 21.48
CA LEU A 16 -20.96 -7.87 20.10
C LEU A 16 -20.24 -8.89 19.22
N LYS A 17 -19.22 -9.56 19.75
CA LYS A 17 -18.51 -10.57 18.97
C LYS A 17 -19.43 -11.73 18.62
N LEU A 18 -20.24 -12.19 19.58
CA LEU A 18 -21.17 -13.27 19.32
C LEU A 18 -22.18 -12.87 18.24
N SER A 19 -22.65 -11.63 18.28
CA SER A 19 -23.61 -11.16 17.31
C SER A 19 -23.05 -11.26 15.90
N ARG A 20 -21.88 -10.65 15.66
CA ARG A 20 -21.25 -10.70 14.35
C ARG A 20 -20.87 -12.11 13.93
N ASP A 21 -20.64 -13.02 14.88
CA ASP A 21 -20.35 -14.40 14.51
C ASP A 21 -21.58 -15.08 13.93
N ASP A 22 -22.77 -14.72 14.40
CA ASP A 22 -24.02 -15.30 13.96
C ASP A 22 -24.63 -14.59 12.77
N ILE A 23 -23.84 -13.80 12.04
CA ILE A 23 -24.33 -13.12 10.84
C ILE A 23 -23.61 -13.55 9.58
N SER A 24 -22.41 -14.15 9.67
CA SER A 24 -21.61 -14.38 8.48
C SER A 24 -22.39 -15.15 7.41
N THR A 25 -23.45 -15.84 7.80
CA THR A 25 -24.39 -16.37 6.81
C THR A 25 -25.14 -15.24 6.11
N ALA A 26 -25.61 -14.25 6.86
CA ALA A 26 -26.34 -13.13 6.26
C ALA A 26 -25.44 -12.28 5.38
N ALA A 27 -24.18 -12.09 5.79
CA ALA A 27 -23.22 -11.37 4.95
C ALA A 27 -23.03 -12.07 3.62
N GLY A 28 -22.98 -13.40 3.63
CA GLY A 28 -22.84 -14.14 2.39
C GLY A 28 -24.03 -13.98 1.47
N MET A 29 -25.22 -13.76 2.05
CA MET A 29 -26.41 -13.53 1.23
C MET A 29 -26.34 -12.20 0.49
N VAL A 30 -25.81 -11.16 1.12
CA VAL A 30 -25.79 -9.87 0.44
C VAL A 30 -24.77 -9.91 -0.70
N LYS A 31 -23.65 -10.60 -0.50
CA LYS A 31 -22.67 -10.75 -1.57
C LYS A 31 -23.29 -11.38 -2.80
N GLY A 32 -24.16 -12.38 -2.60
CA GLY A 32 -24.86 -12.97 -3.72
C GLY A 32 -25.72 -11.97 -4.47
N VAL A 33 -26.53 -11.20 -3.74
CA VAL A 33 -27.38 -10.20 -4.36
C VAL A 33 -26.55 -9.08 -4.96
N VAL A 34 -25.53 -8.62 -4.24
CA VAL A 34 -24.68 -7.55 -4.76
C VAL A 34 -24.01 -7.99 -6.06
N ASP A 35 -23.56 -9.24 -6.13
CA ASP A 35 -22.89 -9.72 -7.34
C ASP A 35 -23.83 -9.70 -8.54
N HIS A 36 -25.10 -10.06 -8.35
CA HIS A 36 -26.04 -10.02 -9.47
C HIS A 36 -26.37 -8.60 -9.89
N LEU A 37 -26.49 -7.68 -8.92
CA LEU A 37 -26.76 -6.29 -9.27
C LEU A 37 -25.63 -5.72 -10.11
N LEU A 38 -24.37 -6.01 -9.76
CA LEU A 38 -23.25 -5.45 -10.49
C LEU A 38 -23.21 -5.97 -11.92
N LEU A 39 -23.52 -7.25 -12.12
CA LEU A 39 -23.46 -7.81 -13.47
C LEU A 39 -24.42 -7.10 -14.39
N ARG A 40 -25.65 -6.83 -13.93
CA ARG A 40 -26.60 -6.14 -14.80
C ARG A 40 -26.23 -4.67 -14.98
N LEU A 41 -25.86 -3.99 -13.89
CA LEU A 41 -25.41 -2.61 -14.00
C LEU A 41 -24.28 -2.47 -15.01
N LYS A 42 -23.39 -3.48 -15.07
CA LYS A 42 -22.29 -3.44 -16.02
C LYS A 42 -22.78 -3.58 -17.45
N CYS A 43 -23.95 -4.18 -17.66
CA CYS A 43 -24.51 -4.26 -19.01
C CYS A 43 -24.97 -2.90 -19.50
N ASP A 44 -25.18 -1.95 -18.61
CA ASP A 44 -25.52 -0.60 -19.01
C ASP A 44 -24.26 0.16 -19.42
N SER A 45 -24.40 0.97 -20.48
CA SER A 45 -23.25 1.68 -21.03
C SER A 45 -22.74 2.75 -20.07
N ALA A 46 -23.64 3.36 -19.30
CA ALA A 46 -23.27 4.42 -18.38
C ALA A 46 -22.65 3.90 -17.09
N PHE A 47 -22.94 2.66 -16.70
CA PHE A 47 -22.40 2.06 -15.49
C PHE A 47 -21.40 0.95 -15.80
N ARG A 48 -20.74 1.02 -16.96
CA ARG A 48 -19.95 -0.11 -17.43
C ARG A 48 -18.80 -0.41 -16.48
N GLY A 49 -18.17 0.63 -15.94
CA GLY A 49 -17.03 0.42 -15.07
C GLY A 49 -17.38 0.31 -13.59
N VAL A 50 -18.64 -0.01 -13.29
CA VAL A 50 -19.08 -0.08 -11.91
C VAL A 50 -18.40 -1.27 -11.22
N GLY A 51 -18.18 -1.13 -9.91
CA GLY A 51 -17.64 -2.22 -9.12
C GLY A 51 -17.78 -1.92 -7.66
N LEU A 52 -17.44 -2.92 -6.84
CA LEU A 52 -17.41 -2.73 -5.40
C LEU A 52 -16.28 -1.79 -5.02
N LEU A 53 -16.51 -1.02 -3.96
CA LEU A 53 -15.44 -0.26 -3.34
C LEU A 53 -14.85 -0.99 -2.14
N ASN A 54 -15.69 -1.31 -1.15
CA ASN A 54 -15.20 -1.87 0.11
C ASN A 54 -14.49 -3.22 -0.09
N TYR A 58 -16.58 -6.21 1.28
CA TYR A 58 -17.70 -6.04 0.36
C TYR A 58 -18.88 -5.33 1.03
N TYR A 59 -19.08 -5.57 2.32
CA TYR A 59 -20.22 -5.03 3.04
C TYR A 59 -19.80 -4.68 4.46
N GLU A 60 -20.18 -3.48 4.91
CA GLU A 60 -19.85 -2.99 6.24
C GLU A 60 -21.14 -2.71 7.01
N HIS A 61 -21.02 -2.56 8.32
CA HIS A 61 -22.16 -2.20 9.17
C HIS A 61 -22.04 -0.78 9.70
N LYS A 63 -24.19 0.54 11.52
CA LYS A 63 -24.85 0.34 12.81
C LYS A 63 -24.31 -0.92 13.50
N ILE A 64 -23.51 -0.73 14.55
CA ILE A 64 -22.81 -1.85 15.18
C ILE A 64 -23.78 -2.76 15.91
N SER A 65 -24.93 -2.25 16.34
CA SER A 65 -25.91 -3.04 17.06
C SER A 65 -26.98 -3.64 16.15
N ALA A 66 -26.82 -3.51 14.83
CA ALA A 66 -27.77 -4.01 13.85
C ALA A 66 -27.01 -4.86 12.86
N PRO A 67 -26.66 -6.10 13.25
CA PRO A 67 -25.73 -6.88 12.42
C PRO A 67 -26.33 -7.39 11.13
N ASN A 68 -27.66 -7.39 10.98
CA ASN A 68 -28.31 -7.76 9.74
C ASN A 68 -28.55 -6.58 8.81
N GLU A 69 -27.99 -5.42 9.13
CA GLU A 69 -28.14 -4.21 8.32
C GLU A 69 -26.78 -3.88 7.72
N PHE A 70 -26.70 -3.97 6.40
CA PHE A 70 -25.43 -3.87 5.68
C PHE A 70 -25.37 -2.60 4.87
N ASP A 71 -24.15 -2.11 4.64
CA ASP A 71 -23.91 -0.94 3.82
C ASP A 71 -22.87 -1.27 2.77
N VAL A 72 -23.18 -0.99 1.52
CA VAL A 72 -22.27 -1.28 0.42
C VAL A 72 -22.21 -0.07 -0.48
N MET A 73 -21.05 0.15 -1.07
CA MET A 73 -20.80 1.25 -1.99
C MET A 73 -20.41 0.68 -3.34
N PHE A 74 -21.11 1.11 -4.39
CA PHE A 74 -20.77 0.82 -5.77
C PHE A 74 -20.01 2.02 -6.32
N LYS A 75 -18.78 1.81 -6.78
CA LYS A 75 -17.97 2.88 -7.32
C LYS A 75 -18.00 2.86 -8.84
N LEU A 76 -17.79 4.03 -9.43
CA LEU A 76 -17.73 4.19 -10.88
C LEU A 76 -16.70 5.25 -11.20
N GLU A 77 -15.65 4.87 -11.91
CA GLU A 77 -14.59 5.83 -12.21
C GLU A 77 -15.06 6.87 -13.22
N VAL A 78 -14.76 8.13 -12.95
CA VAL A 78 -15.06 9.24 -13.84
C VAL A 78 -13.75 9.87 -14.26
N PRO A 79 -13.22 9.51 -15.42
CA PRO A 79 -11.92 10.05 -15.85
C PRO A 79 -12.03 11.53 -16.18
N ARG A 80 -10.91 12.22 -15.97
CA ARG A 80 -10.79 13.65 -16.28
C ARG A 80 -11.97 14.43 -15.73
N ILE A 81 -12.22 14.24 -14.44
CA ILE A 81 -13.29 14.95 -13.76
C ILE A 81 -12.87 16.40 -13.53
N GLN A 82 -13.86 17.29 -13.50
CA GLN A 82 -13.64 18.68 -13.15
C GLN A 82 -14.64 19.04 -12.07
N LEU A 83 -14.14 19.49 -10.93
CA LEU A 83 -14.98 19.79 -9.77
C LEU A 83 -15.09 21.29 -9.60
N GLU A 84 -16.29 21.75 -9.27
CA GLU A 84 -16.52 23.13 -8.87
C GLU A 84 -17.18 23.12 -7.50
N GLU A 85 -16.52 23.74 -6.54
CA GLU A 85 -17.03 23.76 -5.18
C GLU A 85 -18.34 24.54 -5.10
N TYR A 86 -19.30 23.96 -4.37
CA TYR A 86 -20.59 24.58 -4.15
C TYR A 86 -20.53 25.50 -2.94
N SER A 87 -20.75 26.80 -3.18
CA SER A 87 -21.03 27.81 -2.15
C SER A 87 -20.10 27.72 -0.94
N ASN A 88 -18.80 27.56 -1.23
CA ASN A 88 -17.74 27.54 -0.22
C ASN A 88 -17.94 26.46 0.85
N THR A 89 -18.66 25.38 0.54
CA THR A 89 -18.97 24.39 1.57
C THR A 89 -17.83 23.42 1.87
N ARG A 90 -16.79 23.41 1.03
CA ARG A 90 -15.58 22.60 1.20
C ARG A 90 -15.78 21.10 0.95
N ALA A 91 -17.00 20.59 1.15
CA ALA A 91 -17.27 19.16 1.00
C ALA A 91 -18.18 18.83 -0.16
N TYR A 92 -18.93 19.81 -0.70
CA TYR A 92 -19.91 19.58 -1.73
C TYR A 92 -19.46 20.21 -3.05
N TYR A 93 -19.73 19.51 -4.14
CA TYR A 93 -19.18 19.90 -5.43
C TYR A 93 -20.18 19.63 -6.53
N PHE A 94 -20.13 20.46 -7.56
CA PHE A 94 -20.71 20.13 -8.85
C PHE A 94 -19.66 19.35 -9.65
N VAL A 95 -20.11 18.37 -10.41
CA VAL A 95 -19.24 17.55 -11.23
C VAL A 95 -19.38 18.03 -12.66
N LYS A 96 -18.26 18.38 -13.29
CA LYS A 96 -18.23 18.78 -14.69
C LYS A 96 -17.13 18.02 -15.40
N LYS A 98 -13.99 17.68 -18.13
CA LYS A 98 -12.89 18.02 -19.01
C LYS A 98 -13.18 17.61 -20.44
N ARG A 99 -13.74 16.42 -20.63
CA ARG A 99 -14.01 15.88 -21.96
C ARG A 99 -15.32 16.41 -22.53
N ASN A 100 -15.80 15.77 -23.59
CA ASN A 100 -17.04 16.15 -24.28
C ASN A 100 -17.89 14.91 -24.53
N PRO A 101 -19.23 15.02 -24.37
CA PRO A 101 -20.22 13.96 -24.53
C PRO A 101 -19.92 12.93 -25.62
N ASN A 104 -18.13 10.69 -23.62
CA ASN A 104 -18.51 10.58 -22.22
C ASN A 104 -19.69 9.63 -22.01
N PRO A 105 -19.42 8.49 -21.37
CA PRO A 105 -20.51 7.52 -21.11
C PRO A 105 -21.62 8.07 -20.25
N LEU A 106 -21.36 9.13 -19.48
CA LEU A 106 -22.35 9.73 -18.61
C LEU A 106 -23.07 10.91 -19.25
N SER A 107 -22.84 11.16 -20.54
CA SER A 107 -23.40 12.36 -21.18
C SER A 107 -24.93 12.37 -21.12
N GLN A 108 -25.56 11.20 -21.05
CA GLN A 108 -27.02 11.14 -20.93
C GLN A 108 -27.51 11.74 -19.63
N PHE A 109 -26.65 11.87 -18.63
CA PHE A 109 -27.02 12.45 -17.34
C PHE A 109 -26.66 13.93 -17.22
N LEU A 110 -26.05 14.52 -18.24
CA LEU A 110 -25.64 15.92 -18.11
C LEU A 110 -26.87 16.83 -18.04
N GLU A 111 -26.65 18.02 -17.49
CA GLU A 111 -27.64 19.09 -17.40
C GLU A 111 -26.84 20.36 -17.57
N GLY A 112 -26.76 20.84 -18.81
CA GLY A 112 -25.77 21.83 -19.15
C GLY A 112 -24.42 21.17 -19.15
N GLU A 113 -23.49 21.68 -18.34
CA GLU A 113 -22.18 21.07 -18.22
C GLU A 113 -22.02 20.21 -16.97
N ILE A 114 -22.99 20.24 -16.04
CA ILE A 114 -22.89 19.50 -14.79
C ILE A 114 -23.57 18.15 -14.91
N LEU A 115 -22.99 17.15 -14.25
CA LEU A 115 -23.59 15.83 -14.10
C LEU A 115 -24.72 15.90 -13.09
N SER A 116 -25.93 15.52 -13.50
CA SER A 116 -27.06 15.54 -12.59
C SER A 116 -27.02 14.30 -11.70
N ALA A 117 -26.87 14.51 -10.40
CA ALA A 117 -27.02 13.40 -9.46
C ALA A 117 -28.43 12.82 -9.51
N SER A 118 -29.43 13.69 -9.68
CA SER A 118 -30.82 13.25 -9.75
C SER A 118 -31.05 12.28 -10.90
N LYS A 119 -30.63 12.67 -12.11
CA LYS A 119 -30.77 11.80 -13.26
C LYS A 119 -30.02 10.50 -13.05
N MET A 120 -28.75 10.59 -12.68
CA MET A 120 -27.93 9.40 -12.51
C MET A 120 -28.54 8.45 -11.48
N LEU A 121 -28.96 9.00 -10.33
CA LEU A 121 -29.59 8.17 -9.29
C LEU A 121 -30.89 7.55 -9.78
N SER A 122 -31.62 8.26 -10.65
CA SER A 122 -32.88 7.69 -11.15
C SER A 122 -32.61 6.44 -11.97
N LYS A 123 -31.62 6.48 -12.86
CA LYS A 123 -31.30 5.29 -13.63
C LYS A 123 -30.74 4.19 -12.73
N PHE A 124 -29.87 4.56 -11.79
CA PHE A 124 -29.32 3.62 -10.83
C PHE A 124 -30.43 2.82 -10.15
N ARG A 125 -31.41 3.53 -9.56
CA ARG A 125 -32.49 2.85 -8.87
C ARG A 125 -33.32 1.99 -9.82
N LYS A 126 -33.58 2.50 -11.03
CA LYS A 126 -34.45 1.78 -11.95
C LYS A 126 -33.82 0.45 -12.37
N ILE A 127 -32.51 0.45 -12.64
CA ILE A 127 -31.83 -0.78 -13.02
C ILE A 127 -31.85 -1.78 -11.86
N ILE A 128 -31.56 -1.30 -10.65
CA ILE A 128 -31.59 -2.16 -9.47
C ILE A 128 -33.01 -2.68 -9.22
N LYS A 129 -34.02 -1.85 -9.44
CA LYS A 129 -35.39 -2.28 -9.18
C LYS A 129 -35.81 -3.38 -10.15
N GLU A 130 -35.43 -3.27 -11.41
CA GLU A 130 -35.79 -4.30 -12.38
C GLU A 130 -35.01 -5.59 -12.12
N GLU A 131 -33.80 -5.50 -11.56
CA GLU A 131 -33.01 -6.69 -11.32
C GLU A 131 -33.52 -7.48 -10.13
N ILE A 132 -33.85 -6.81 -9.02
CA ILE A 132 -34.33 -7.54 -7.85
C ILE A 132 -35.67 -8.19 -8.11
N ASN A 133 -36.44 -7.67 -9.08
CA ASN A 133 -37.67 -8.33 -9.48
C ASN A 133 -37.41 -9.63 -10.23
N ASP A 134 -36.20 -9.81 -10.75
CA ASP A 134 -35.81 -11.06 -11.42
C ASP A 134 -35.37 -12.14 -10.43
N ILE A 135 -35.38 -11.86 -9.14
CA ILE A 135 -35.05 -12.86 -8.13
C ILE A 135 -36.24 -13.12 -7.22
N VAL A 140 -36.96 -9.65 -2.85
CA VAL A 140 -36.16 -8.47 -2.51
C VAL A 140 -36.99 -7.20 -2.74
N ILE A 141 -37.13 -6.39 -1.70
CA ILE A 141 -37.95 -5.19 -1.74
C ILE A 141 -37.02 -3.97 -1.64
N MET A 142 -37.18 -3.03 -2.56
CA MET A 142 -36.53 -1.73 -2.43
C MET A 142 -37.36 -0.79 -1.56
N LYS A 143 -36.73 -0.25 -0.52
CA LYS A 143 -37.38 0.70 0.34
C LYS A 143 -37.58 2.03 -0.40
N ARG A 144 -38.54 2.81 0.10
CA ARG A 144 -38.87 4.10 -0.49
C ARG A 144 -37.70 5.09 -0.34
N GLY A 148 -30.02 11.22 -1.10
CA GLY A 148 -29.54 10.55 -2.29
C GLY A 148 -28.55 9.44 -2.03
N SER A 149 -28.00 9.42 -0.83
CA SER A 149 -27.03 8.38 -0.50
C SER A 149 -27.42 7.65 0.78
N ALA A 151 -28.80 5.61 -1.54
CA ALA A 151 -29.54 5.64 -2.79
C ALA A 151 -30.68 4.62 -2.80
N VAL A 152 -30.35 3.39 -2.44
CA VAL A 152 -31.29 2.28 -2.44
C VAL A 152 -31.12 1.54 -1.12
N THR A 153 -32.23 1.07 -0.56
CA THR A 153 -32.22 0.13 0.55
C THR A 153 -32.99 -1.10 0.12
N LEU A 154 -32.33 -2.26 0.17
CA LEU A 154 -32.95 -3.53 -0.17
C LEU A 154 -33.31 -4.29 1.10
N LEU A 155 -34.42 -5.00 1.07
CA LEU A 155 -34.78 -5.97 2.10
C LEU A 155 -34.63 -7.36 1.50
N ILE A 156 -33.60 -8.09 1.92
CA ILE A 156 -33.35 -9.45 1.45
C ILE A 156 -34.03 -10.42 2.40
N SER A 157 -34.81 -11.35 1.85
CA SER A 157 -35.82 -12.08 2.62
C SER A 157 -36.66 -11.01 3.33
N GLU A 158 -36.97 -11.16 4.61
CA GLU A 158 -37.50 -10.07 5.42
C GLU A 158 -36.62 -9.83 6.64
N LYS A 159 -35.32 -10.13 6.50
CA LYS A 159 -34.40 -10.13 7.63
C LYS A 159 -33.19 -9.24 7.43
N ILE A 160 -32.71 -9.05 6.20
CA ILE A 160 -31.44 -8.39 5.94
C ILE A 160 -31.69 -7.14 5.12
N SER A 161 -31.21 -6.01 5.61
CA SER A 161 -31.23 -4.75 4.89
C SER A 161 -29.84 -4.47 4.31
N VAL A 162 -29.82 -3.94 3.09
CA VAL A 162 -28.59 -3.54 2.42
C VAL A 162 -28.83 -2.15 1.86
N ASP A 163 -28.11 -1.17 2.40
CA ASP A 163 -28.10 0.19 1.87
C ASP A 163 -27.02 0.28 0.79
N ILE A 164 -27.42 0.64 -0.43
CA ILE A 164 -26.50 0.71 -1.56
C ILE A 164 -26.27 2.17 -1.90
N THR A 165 -25.01 2.59 -1.86
CA THR A 165 -24.61 3.96 -2.19
C THR A 165 -23.82 3.94 -3.49
N LEU A 166 -24.15 4.84 -4.39
CA LEU A 166 -23.38 5.03 -5.61
C LEU A 166 -22.34 6.12 -5.39
N ALA A 167 -21.11 5.88 -5.84
CA ALA A 167 -20.02 6.84 -5.69
C ALA A 167 -19.28 7.00 -7.01
N LEU A 168 -18.98 8.24 -7.37
CA LEU A 168 -18.02 8.48 -8.43
C LEU A 168 -16.62 8.33 -7.88
N GLU A 169 -15.74 7.73 -8.68
CA GLU A 169 -14.34 7.56 -8.32
C GLU A 169 -13.50 8.46 -9.20
N SER A 170 -12.56 9.16 -8.59
CA SER A 170 -11.62 10.00 -9.33
C SER A 170 -10.22 9.67 -8.87
N LYS A 171 -9.34 9.33 -9.81
CA LYS A 171 -7.94 9.06 -9.50
C LYS A 171 -7.06 10.29 -9.69
N SER A 172 -7.64 11.48 -9.68
CA SER A 172 -6.88 12.71 -9.66
C SER A 172 -6.52 13.07 -8.22
N SER A 173 -5.65 14.06 -8.08
CA SER A 173 -5.24 14.44 -6.73
C SER A 173 -6.44 14.99 -5.96
N TRP A 174 -6.44 14.79 -4.65
CA TRP A 174 -7.57 15.17 -3.83
C TRP A 174 -7.83 16.68 -3.93
N PRO A 175 -9.06 17.12 -3.69
CA PRO A 175 -9.37 18.55 -3.74
C PRO A 175 -8.61 19.34 -2.71
N ALA A 176 -8.42 20.63 -3.02
CA ALA A 176 -7.65 21.53 -2.16
C ALA A 176 -8.24 21.64 -0.75
N SER A 177 -9.54 21.42 -0.57
CA SER A 177 -10.11 21.49 0.78
C SER A 177 -9.58 20.40 1.70
N THR A 178 -8.98 19.34 1.16
CA THR A 178 -8.39 18.28 1.98
C THR A 178 -6.94 18.52 2.34
N GLN A 179 -6.33 19.61 1.89
CA GLN A 179 -4.87 19.72 1.90
C GLN A 179 -4.30 19.65 3.32
N GLU A 180 -5.01 20.23 4.29
CA GLU A 180 -4.57 20.20 5.68
C GLU A 180 -5.26 19.11 6.50
N GLY A 181 -6.04 18.24 5.85
CA GLY A 181 -6.72 17.16 6.55
C GLY A 181 -5.83 15.93 6.72
N LEU A 182 -6.44 14.88 7.25
CA LEU A 182 -5.76 13.59 7.44
C LEU A 182 -4.45 13.77 8.18
N ARG A 183 -4.51 14.39 9.35
CA ARG A 183 -3.29 14.82 10.04
C ARG A 183 -2.74 13.65 10.85
N ILE A 184 -2.30 12.61 10.11
CA ILE A 184 -1.86 11.36 10.70
C ILE A 184 -0.35 11.27 10.82
N GLN A 185 0.36 12.36 10.48
CA GLN A 185 1.82 12.29 10.33
C GLN A 185 2.52 11.81 11.59
N ASN A 186 2.04 12.25 12.76
CA ASN A 186 2.72 11.84 13.99
C ASN A 186 2.25 10.49 14.51
N TRP A 187 1.22 9.91 13.90
CA TRP A 187 0.64 8.65 14.35
C TRP A 187 1.00 7.54 13.38
N LEU A 188 0.50 7.60 12.15
CA LEU A 188 0.71 6.58 11.12
C LEU A 188 1.85 6.88 10.17
N SER A 189 2.32 8.15 10.14
CA SER A 189 3.54 8.65 9.49
C SER A 189 3.22 9.50 8.27
N ALA A 190 4.15 10.39 7.94
CA ALA A 190 4.04 11.19 6.72
C ALA A 190 4.12 10.32 5.48
N LYS A 191 4.94 9.25 5.52
CA LYS A 191 5.01 8.34 4.39
C LYS A 191 3.65 7.73 4.11
N VAL A 192 2.94 7.35 5.17
CA VAL A 192 1.63 6.73 4.97
C VAL A 192 0.63 7.77 4.45
N ARG A 193 0.69 8.98 4.97
CA ARG A 193 -0.24 10.00 4.49
C ARG A 193 -0.06 10.25 3.00
N LYS A 194 1.18 10.34 2.55
CA LYS A 194 1.45 10.52 1.12
C LYS A 194 0.94 9.33 0.32
N GLN A 195 1.12 8.11 0.83
CA GLN A 195 0.60 6.95 0.14
C GLN A 195 -0.92 6.99 0.06
N LEU A 196 -1.59 7.30 1.18
CA LEU A 196 -3.06 7.33 1.18
C LEU A 196 -3.58 8.40 0.23
N ARG A 197 -2.93 9.57 0.19
CA ARG A 197 -3.41 10.66 -0.63
C ARG A 197 -3.15 10.43 -2.11
N LEU A 198 -2.41 9.38 -2.46
CA LEU A 198 -2.28 8.94 -3.85
C LEU A 198 -3.41 8.03 -4.27
N LYS A 199 -4.21 7.55 -3.32
CA LYS A 199 -5.38 6.75 -3.65
C LYS A 199 -6.46 7.65 -4.27
N PRO A 200 -7.45 7.05 -4.93
CA PRO A 200 -8.58 7.84 -5.45
C PRO A 200 -9.35 8.50 -4.32
N PHE A 201 -10.21 9.44 -4.70
CA PHE A 201 -11.25 9.92 -3.80
C PHE A 201 -12.60 9.68 -4.45
N TYR A 202 -13.65 9.73 -3.63
CA TYR A 202 -14.99 9.39 -4.09
C TYR A 202 -15.94 10.54 -3.85
N LEU A 203 -17.01 10.57 -4.66
CA LEU A 203 -18.05 11.58 -4.55
C LEU A 203 -19.38 10.85 -4.52
N VAL A 204 -20.21 11.17 -3.54
CA VAL A 204 -21.49 10.50 -3.42
C VAL A 204 -22.58 11.56 -3.59
N PRO A 205 -23.66 11.23 -4.28
CA PRO A 205 -24.74 12.22 -4.47
C PRO A 205 -25.35 12.58 -3.12
N LYS A 206 -25.29 13.87 -2.77
CA LYS A 206 -25.94 14.34 -1.55
C LYS A 206 -26.35 15.80 -1.72
N HIS A 207 -27.62 16.09 -1.46
CA HIS A 207 -28.10 17.47 -1.57
C HIS A 207 -27.50 18.31 -0.45
N ALA A 208 -27.41 19.62 -0.71
CA ALA A 208 -26.73 20.54 0.19
C ALA A 208 -27.68 21.65 0.62
N LYS A 209 -27.18 22.49 1.52
CA LYS A 209 -27.91 23.60 2.18
C LYS A 209 -28.76 23.07 3.34
N GLY A 213 -33.99 26.08 1.48
CA GLY A 213 -34.12 25.04 0.48
C GLY A 213 -32.92 24.12 0.41
N PHE A 214 -32.81 23.37 -0.69
CA PHE A 214 -31.71 22.46 -0.90
C PHE A 214 -31.25 22.53 -2.35
N GLN A 215 -29.95 22.37 -2.57
CA GLN A 215 -29.40 22.22 -3.91
C GLN A 215 -29.30 20.73 -4.23
N GLU A 216 -29.82 20.33 -5.39
CA GLU A 216 -30.07 18.92 -5.64
C GLU A 216 -29.03 18.22 -6.51
N GLU A 217 -28.08 18.96 -7.11
CA GLU A 217 -27.15 18.35 -8.04
C GLU A 217 -25.71 18.33 -7.51
N THR A 218 -25.55 18.37 -6.19
CA THR A 218 -24.24 18.40 -5.58
C THR A 218 -23.81 16.99 -5.20
N TRP A 219 -22.49 16.81 -5.14
CA TRP A 219 -21.87 15.56 -4.72
C TRP A 219 -20.94 15.85 -3.55
N ARG A 220 -20.91 14.95 -2.57
CA ARG A 220 -20.08 15.14 -1.38
C ARG A 220 -18.89 14.20 -1.38
N LEU A 221 -17.73 14.73 -0.97
CA LEU A 221 -16.52 13.94 -0.90
C LEU A 221 -16.69 12.78 0.07
N SER A 222 -16.19 11.61 -0.33
CA SER A 222 -16.25 10.47 0.56
C SER A 222 -14.87 9.82 0.63
N PHE A 223 -14.46 9.49 1.85
CA PHE A 223 -13.16 8.86 2.06
C PHE A 223 -13.31 7.55 2.82
N SER A 224 -14.41 6.83 2.58
CA SER A 224 -14.69 5.61 3.34
C SER A 224 -13.58 4.58 3.21
N HIS A 225 -12.92 4.53 2.05
CA HIS A 225 -11.86 3.55 1.87
C HIS A 225 -10.63 3.86 2.73
N ILE A 226 -10.35 5.14 2.95
CA ILE A 226 -9.22 5.56 3.79
C ILE A 226 -9.55 5.33 5.26
N GLU A 227 -10.78 5.66 5.65
CA GLU A 227 -11.20 5.41 7.03
C GLU A 227 -11.06 3.93 7.38
N LYS A 228 -11.39 3.06 6.42
CA LYS A 228 -11.24 1.62 6.66
C LYS A 228 -9.78 1.24 6.81
N GLU A 229 -8.93 1.76 5.93
CA GLU A 229 -7.50 1.44 5.97
C GLU A 229 -6.88 1.84 7.30
N ILE A 230 -7.20 3.05 7.76
CA ILE A 230 -6.64 3.59 8.99
C ILE A 230 -7.13 2.81 10.20
N LEU A 231 -8.38 2.36 10.17
CA LEU A 231 -8.93 1.65 11.34
C LEU A 231 -8.38 0.23 11.47
N ASN A 232 -8.15 -0.45 10.34
CA ASN A 232 -7.63 -1.80 10.34
C ASN A 232 -6.11 -1.85 10.33
N ASN A 233 -5.46 -0.75 10.04
CA ASN A 233 -4.00 -0.67 10.11
C ASN A 233 -3.69 0.57 10.95
N HIS A 234 -3.86 0.43 12.27
CA HIS A 234 -4.16 1.57 13.13
C HIS A 234 -3.05 1.93 14.12
N GLY A 235 -1.98 1.15 14.20
CA GLY A 235 -0.95 1.39 15.18
C GLY A 235 0.19 2.21 14.63
N LYS A 236 0.89 2.87 15.54
CA LYS A 236 2.21 3.36 15.16
C LYS A 236 3.13 2.19 14.83
N SER A 237 3.10 1.14 15.65
CA SER A 237 3.83 -0.06 15.28
C SER A 237 3.11 -0.81 14.17
N LYS A 238 3.88 -1.28 13.18
CA LYS A 238 3.26 -2.12 12.16
C LYS A 238 2.74 -3.43 12.73
N THR A 239 3.26 -3.90 13.86
CA THR A 239 2.75 -5.13 14.47
C THR A 239 1.77 -4.87 15.60
N CYS A 240 1.22 -3.65 15.71
CA CYS A 240 0.14 -3.41 16.68
C CYS A 240 -0.95 -4.45 16.52
N CYS A 241 -1.33 -5.04 17.65
CA CYS A 241 -2.35 -6.09 17.81
C CYS A 241 -1.97 -7.41 17.15
N GLU A 242 -0.73 -7.60 16.73
CA GLU A 242 -0.36 -8.85 16.07
C GLU A 242 0.27 -9.84 17.03
N ASN A 243 0.46 -9.44 18.28
CA ASN A 243 1.00 -10.33 19.30
C ASN A 243 0.49 -9.86 20.65
N LYS A 244 0.70 -10.69 21.66
CA LYS A 244 0.25 -10.35 23.02
C LYS A 244 0.86 -9.05 23.53
N GLU A 245 2.15 -8.80 23.25
CA GLU A 245 2.78 -7.61 23.79
C GLU A 245 2.19 -6.34 23.22
N GLU A 246 1.56 -6.38 22.04
CA GLU A 246 1.16 -5.13 21.38
C GLU A 246 -0.35 -5.03 21.23
N LYS A 247 -1.13 -5.76 22.03
CA LYS A 247 -2.58 -5.61 21.94
C LYS A 247 -2.97 -4.22 22.43
N CYS A 248 -3.69 -3.46 21.60
CA CYS A 248 -4.21 -2.14 22.00
C CYS A 248 -5.74 -2.19 21.98
N CYS A 249 -6.36 -1.13 22.50
CA CYS A 249 -7.82 -1.10 22.56
C CYS A 249 -8.44 -0.04 21.66
N ARG A 250 -7.72 0.38 20.63
CA ARG A 250 -8.25 1.39 19.72
C ARG A 250 -9.58 0.95 19.14
N LYS A 251 -9.60 -0.23 18.50
CA LYS A 251 -10.83 -0.66 17.81
C LYS A 251 -11.98 -0.88 18.78
N ASP A 252 -11.68 -1.43 19.96
CA ASP A 252 -12.74 -1.68 20.94
C ASP A 252 -13.33 -0.37 21.46
N CYS A 253 -12.50 0.65 21.65
CA CYS A 253 -13.01 1.97 22.03
C CYS A 253 -13.98 2.50 20.96
N LEU A 254 -13.62 2.37 19.69
CA LEU A 254 -14.53 2.83 18.64
C LEU A 254 -15.83 2.02 18.65
N LYS A 255 -15.73 0.70 18.78
CA LYS A 255 -16.92 -0.14 18.90
C LYS A 255 -17.84 0.35 20.01
N LEU A 256 -17.27 0.58 21.20
CA LEU A 256 -18.09 0.97 22.34
C LEU A 256 -18.68 2.36 22.17
N MET A 257 -17.93 3.28 21.56
CA MET A 257 -18.49 4.59 21.22
C MET A 257 -19.70 4.45 20.29
N LYS A 258 -19.55 3.67 19.21
CA LYS A 258 -20.67 3.49 18.29
C LYS A 258 -21.85 2.83 18.98
N TYR A 259 -21.59 1.79 19.78
CA TYR A 259 -22.66 1.09 20.47
C TYR A 259 -23.39 2.01 21.44
N LEU A 260 -22.65 2.90 22.11
CA LEU A 260 -23.26 3.84 23.04
C LEU A 260 -24.22 4.78 22.31
N LEU A 261 -23.78 5.31 21.18
CA LEU A 261 -24.66 6.22 20.43
C LEU A 261 -25.87 5.48 19.89
N GLU A 262 -25.67 4.24 19.43
CA GLU A 262 -26.78 3.49 18.86
C GLU A 262 -27.82 3.13 19.93
N GLN A 263 -27.37 2.74 21.12
CA GLN A 263 -28.31 2.42 22.19
C GLN A 263 -29.07 3.65 22.66
N LEU A 264 -28.41 4.80 22.69
CA LEU A 264 -29.11 6.04 23.03
C LEU A 264 -30.08 6.44 21.93
N LYS A 265 -29.68 6.31 20.67
CA LYS A 265 -30.57 6.69 19.58
C LYS A 265 -31.83 5.84 19.60
N GLU A 266 -31.71 4.57 19.97
CA GLU A 266 -32.85 3.66 20.06
C GLU A 266 -33.69 3.89 21.30
N ARG A 267 -33.05 4.23 22.43
CA ARG A 267 -33.83 4.47 23.63
C ARG A 267 -34.67 5.75 23.51
N PHE A 268 -34.18 6.73 22.74
CA PHE A 268 -34.90 7.98 22.57
C PHE A 268 -35.42 8.17 21.15
N LYS A 269 -35.66 7.08 20.42
CA LYS A 269 -36.09 7.15 19.03
C LYS A 269 -37.33 8.01 18.84
N ASP A 270 -38.22 8.01 19.82
CA ASP A 270 -39.50 8.71 19.67
C ASP A 270 -39.45 10.17 20.09
N LYS A 271 -38.35 10.62 20.67
CA LYS A 271 -38.13 12.05 20.79
C LYS A 271 -37.34 12.61 19.63
N LYS A 272 -36.80 11.74 18.76
CA LYS A 272 -36.10 12.10 17.54
C LYS A 272 -34.93 13.06 17.76
N HIS A 273 -34.73 13.52 19.00
CA HIS A 273 -33.70 14.51 19.29
C HIS A 273 -32.31 14.03 18.88
N LEU A 274 -32.12 12.73 18.71
CA LEU A 274 -30.82 12.17 18.39
C LEU A 274 -30.76 11.61 16.98
N ASP A 275 -31.80 11.81 16.17
CA ASP A 275 -31.81 11.22 14.84
C ASP A 275 -30.70 11.80 13.96
N LYS A 276 -30.28 13.02 14.23
CA LYS A 276 -29.23 13.66 13.43
C LYS A 276 -27.84 13.09 13.69
N PHE A 277 -27.59 12.51 14.86
CA PHE A 277 -26.26 12.00 15.17
C PHE A 277 -26.05 10.64 14.53
N SER A 278 -24.83 10.36 14.10
CA SER A 278 -24.57 9.10 13.41
C SER A 278 -23.24 8.53 13.86
N SER A 279 -22.99 7.29 13.44
CA SER A 279 -21.72 6.66 13.73
C SER A 279 -20.57 7.44 13.13
N TYR A 280 -20.83 8.18 12.05
CA TYR A 280 -19.77 8.99 11.43
C TYR A 280 -19.26 10.08 12.36
N HIS A 281 -20.14 10.72 13.13
CA HIS A 281 -19.66 11.67 14.14
C HIS A 281 -18.76 10.97 15.15
N VAL A 282 -19.19 9.81 15.63
CA VAL A 282 -18.40 9.05 16.60
C VAL A 282 -17.05 8.69 16.01
N LYS A 283 -17.06 8.18 14.79
CA LYS A 283 -15.82 7.77 14.14
C LYS A 283 -14.90 8.96 13.91
N THR A 284 -15.46 10.12 13.56
CA THR A 284 -14.63 11.31 13.34
C THR A 284 -13.98 11.75 14.65
N ALA A 285 -14.73 11.77 15.74
CA ALA A 285 -14.13 12.15 17.02
C ALA A 285 -13.04 11.14 17.40
N PHE A 286 -13.29 9.86 17.15
CA PHE A 286 -12.32 8.81 17.46
C PHE A 286 -11.02 9.04 16.68
N PHE A 287 -11.12 9.31 15.37
CA PHE A 287 -9.88 9.61 14.62
C PHE A 287 -9.16 10.82 15.19
N HIS A 288 -9.87 11.84 15.66
CA HIS A 288 -9.18 12.96 16.28
C HIS A 288 -8.50 12.52 17.57
N VAL A 289 -9.14 11.61 18.32
CA VAL A 289 -8.51 11.11 19.54
C VAL A 289 -7.26 10.34 19.20
N CYS A 290 -7.29 9.60 18.09
CA CYS A 290 -6.08 8.90 17.67
C CYS A 290 -4.96 9.87 17.32
N THR A 291 -5.29 10.99 16.65
CA THR A 291 -4.27 11.98 16.35
C THR A 291 -3.70 12.57 17.64
N GLN A 292 -4.56 12.84 18.62
CA GLN A 292 -4.14 13.42 19.90
C GLN A 292 -3.31 12.44 20.73
N ASN A 293 -3.50 11.14 20.52
CA ASN A 293 -2.83 10.10 21.31
C ASN A 293 -2.15 9.12 20.34
N PRO A 294 -1.02 9.51 19.76
CA PRO A 294 -0.47 8.73 18.64
C PRO A 294 0.32 7.49 19.03
N GLN A 295 0.65 7.30 20.30
CA GLN A 295 1.53 6.21 20.72
C GLN A 295 0.72 4.98 21.14
N ASP A 296 1.17 3.79 20.71
CA ASP A 296 0.40 2.61 21.02
C ASP A 296 0.31 2.38 22.53
N SER A 297 1.33 2.79 23.27
CA SER A 297 1.32 2.63 24.73
C SER A 297 0.21 3.45 25.37
N GLN A 298 -0.36 4.41 24.65
CA GLN A 298 -1.49 5.16 25.21
C GLN A 298 -2.80 4.39 25.06
N TRP A 299 -2.77 3.23 24.41
CA TRP A 299 -3.97 2.46 24.10
C TRP A 299 -3.85 1.04 24.61
N ASP A 300 -3.07 0.84 25.68
CA ASP A 300 -2.87 -0.51 26.18
C ASP A 300 -4.21 -1.15 26.53
N ARG A 301 -4.43 -2.38 26.04
CA ARG A 301 -5.72 -3.04 26.26
C ARG A 301 -6.04 -3.14 27.76
N LYS A 302 -5.00 -3.17 28.61
CA LYS A 302 -5.20 -3.13 30.07
C LYS A 302 -5.91 -1.87 30.54
N ASP A 303 -5.85 -0.80 29.76
CA ASP A 303 -6.40 0.49 30.14
C ASP A 303 -7.71 0.77 29.42
N LEU A 304 -8.41 -0.28 28.98
CA LEU A 304 -9.61 -0.07 28.16
C LEU A 304 -10.64 0.82 28.85
N GLY A 305 -10.80 0.66 30.17
CA GLY A 305 -11.76 1.50 30.88
C GLY A 305 -11.43 2.98 30.80
N LEU A 306 -10.17 3.32 31.09
CA LEU A 306 -9.74 4.71 30.99
C LEU A 306 -9.71 5.20 29.55
N CYS A 307 -9.29 4.35 28.62
CA CYS A 307 -9.28 4.77 27.22
C CYS A 307 -10.69 5.09 26.73
N PHE A 308 -11.65 4.23 27.02
CA PHE A 308 -13.02 4.52 26.63
C PHE A 308 -13.53 5.80 27.29
N ASP A 309 -13.29 5.96 28.59
CA ASP A 309 -13.73 7.17 29.28
C ASP A 309 -13.19 8.41 28.60
N ASN A 310 -11.93 8.35 28.14
CA ASN A 310 -11.31 9.50 27.50
C ASN A 310 -11.91 9.76 26.12
N CYS A 311 -12.25 8.69 25.41
CA CYS A 311 -12.96 8.83 24.13
C CYS A 311 -14.31 9.49 24.35
N VAL A 312 -15.04 9.03 25.36
CA VAL A 312 -16.35 9.62 25.67
C VAL A 312 -16.19 11.08 26.02
N THR A 313 -15.20 11.39 26.85
CA THR A 313 -14.96 12.77 27.25
C THR A 313 -14.63 13.66 26.07
N TYR A 314 -13.85 13.16 25.11
CA TYR A 314 -13.53 13.96 23.93
C TYR A 314 -14.78 14.23 23.12
N PHE A 315 -15.59 13.20 22.93
CA PHE A 315 -16.84 13.39 22.21
C PHE A 315 -17.73 14.41 22.90
N LEU A 316 -17.80 14.36 24.25
CA LEU A 316 -18.58 15.35 25.00
C LEU A 316 -18.02 16.75 24.79
N GLN A 317 -16.69 16.91 24.75
CA GLN A 317 -16.12 18.22 24.53
C GLN A 317 -16.49 18.74 23.15
N CYS A 318 -16.46 17.87 22.15
CA CYS A 318 -16.89 18.31 20.82
C CYS A 318 -18.33 18.82 20.84
N LEU A 319 -19.21 18.09 21.53
CA LEU A 319 -20.62 18.50 21.61
C LEU A 319 -20.76 19.83 22.32
N ARG A 320 -20.09 20.00 23.47
CA ARG A 320 -20.23 21.26 24.19
C ARG A 320 -19.69 22.43 23.38
N THR A 321 -18.55 22.26 22.72
CA THR A 321 -17.97 23.35 21.96
C THR A 321 -18.53 23.47 20.54
N GLU A 322 -19.40 22.54 20.13
CA GLU A 322 -19.97 22.52 18.79
C GLU A 322 -18.88 22.55 17.72
N LYS A 323 -17.80 21.82 17.96
CA LYS A 323 -16.71 21.69 17.00
C LYS A 323 -16.44 20.21 16.78
N LEU A 324 -16.63 19.75 15.56
CA LEU A 324 -16.18 18.41 15.17
C LEU A 324 -15.80 18.53 13.69
N GLU A 325 -14.54 18.88 13.46
CA GLU A 325 -14.03 18.99 12.09
C GLU A 325 -14.06 17.65 11.39
N ASN A 326 -14.50 17.66 10.14
CA ASN A 326 -14.28 16.51 9.28
C ASN A 326 -12.79 16.17 9.26
N TYR A 327 -12.48 14.87 9.37
CA TYR A 327 -11.08 14.45 9.54
C TYR A 327 -10.26 14.69 8.28
N PHE A 328 -10.91 14.70 7.13
CA PHE A 328 -10.29 14.91 5.84
C PHE A 328 -10.42 16.33 5.34
N ILE A 329 -11.45 17.05 5.80
CA ILE A 329 -11.79 18.40 5.36
C ILE A 329 -11.90 19.31 6.57
N PRO A 330 -10.80 19.89 7.04
CA PRO A 330 -10.83 20.53 8.38
C PRO A 330 -11.78 21.71 8.49
N GLU A 331 -12.05 22.41 7.39
CA GLU A 331 -12.95 23.56 7.45
C GLU A 331 -14.42 23.17 7.44
N PHE A 332 -14.74 21.88 7.35
CA PHE A 332 -16.12 21.43 7.46
C PHE A 332 -16.39 21.00 8.90
N ASN A 333 -17.20 21.77 9.60
CA ASN A 333 -17.56 21.46 10.99
C ASN A 333 -18.83 20.62 11.00
N LEU A 334 -18.68 19.32 11.29
CA LEU A 334 -19.84 18.45 11.41
C LEU A 334 -20.78 18.88 12.52
N PHE A 335 -20.26 19.56 13.56
CA PHE A 335 -21.14 20.00 14.63
C PHE A 335 -21.56 21.46 14.48
N SER A 336 -21.54 22.01 13.28
CA SER A 336 -22.00 23.39 13.12
C SER A 336 -23.49 23.47 13.44
N SER A 337 -23.90 24.60 14.04
CA SER A 337 -25.32 24.76 14.35
C SER A 337 -26.18 24.84 13.10
N ASN A 338 -25.59 25.06 11.93
CA ASN A 338 -26.33 24.92 10.69
C ASN A 338 -26.72 23.46 10.43
N LEU A 339 -26.02 22.51 11.02
CA LEU A 339 -26.27 21.08 10.81
C LEU A 339 -26.95 20.40 11.99
N ILE A 340 -26.56 20.74 13.21
CA ILE A 340 -27.13 20.14 14.42
C ILE A 340 -27.40 21.27 15.39
N ASP A 341 -28.65 21.41 15.79
CA ASP A 341 -29.03 22.49 16.71
C ASP A 341 -28.41 22.26 18.07
N LYS A 342 -28.23 23.37 18.80
CA LYS A 342 -27.66 23.33 20.14
C LYS A 342 -28.47 22.43 21.06
N ARG A 343 -29.81 22.49 20.99
CA ARG A 343 -30.63 21.70 21.90
C ARG A 343 -30.36 20.20 21.78
N SER A 344 -30.11 19.72 20.57
CA SER A 344 -29.84 18.30 20.35
C SER A 344 -28.50 17.91 20.96
N LYS A 345 -27.47 18.72 20.76
CA LYS A 345 -26.17 18.40 21.36
C LYS A 345 -26.26 18.41 22.89
N GLU A 346 -27.00 19.38 23.43
CA GLU A 346 -27.21 19.43 24.87
C GLU A 346 -27.94 18.19 25.37
N PHE A 347 -28.92 17.70 24.62
CA PHE A 347 -29.64 16.50 25.04
C PHE A 347 -28.70 15.29 25.06
N LEU A 348 -27.97 15.09 23.96
CA LEU A 348 -27.01 13.99 23.92
C LEU A 348 -25.96 14.11 25.02
N THR A 349 -25.47 15.33 25.26
CA THR A 349 -24.50 15.54 26.34
C THR A 349 -25.09 15.08 27.68
N LYS A 350 -26.33 15.46 27.95
CA LYS A 350 -26.95 15.08 29.22
C LYS A 350 -27.08 13.57 29.33
N GLN A 351 -27.45 12.90 28.24
CA GLN A 351 -27.67 11.47 28.31
C GLN A 351 -26.35 10.71 28.47
N ILE A 352 -25.32 11.12 27.74
CA ILE A 352 -24.02 10.47 27.86
C ILE A 352 -23.44 10.68 29.24
N GLU A 353 -23.55 11.91 29.77
CA GLU A 353 -23.01 12.13 31.12
C GLU A 353 -23.74 11.28 32.14
N TYR A 354 -25.07 11.14 31.99
CA TYR A 354 -25.81 10.27 32.90
C TYR A 354 -25.32 8.83 32.80
N GLU A 355 -25.17 8.33 31.56
CA GLU A 355 -24.71 6.97 31.36
C GLU A 355 -23.35 6.76 32.00
N ARG A 356 -22.43 7.72 31.77
CA ARG A 356 -21.07 7.56 32.25
C ARG A 356 -21.02 7.60 33.78
N ASN A 357 -21.87 8.42 34.41
CA ASN A 357 -21.90 8.49 35.87
C ASN A 357 -22.52 7.24 36.52
N ASN A 358 -23.24 6.42 35.75
CA ASN A 358 -23.97 5.29 36.32
C ASN A 358 -23.53 3.96 35.74
N GLU A 359 -22.27 3.88 35.28
CA GLU A 359 -21.67 2.66 34.72
C GLU A 359 -22.44 2.14 33.50
N PHE A 360 -23.02 3.06 32.72
CA PHE A 360 -23.58 2.83 31.39
C PHE A 360 -24.74 1.84 31.43
N PRO A 361 -25.84 2.17 32.09
CA PRO A 361 -26.99 1.24 32.08
C PRO A 361 -27.56 0.98 30.69
N VAL A 362 -27.39 1.91 29.73
CA VAL A 362 -27.90 1.68 28.40
C VAL A 362 -27.18 0.53 27.69
N PHE A 363 -26.01 0.10 28.19
CA PHE A 363 -25.34 -1.06 27.62
C PHE A 363 -26.04 -2.36 27.97
N ASP A 364 -26.93 -2.33 28.97
CA ASP A 364 -27.66 -3.52 29.40
C ASP A 364 -28.98 -3.65 28.65
N GLY B 5 34.49 3.11 16.82
CA GLY B 5 35.18 3.89 15.81
C GLY B 5 34.28 4.20 14.62
N ALA B 6 33.01 4.46 14.91
CA ALA B 6 32.06 4.73 13.85
C ALA B 6 32.36 6.03 13.11
N SER B 7 33.29 6.86 13.60
CA SER B 7 33.52 8.15 12.95
C SER B 7 34.04 7.98 11.53
N LYS B 8 34.91 7.00 11.28
CA LYS B 8 35.33 6.72 9.91
C LYS B 8 34.16 6.25 9.06
N LEU B 9 33.25 5.47 9.65
CA LEU B 9 32.03 5.10 8.94
C LEU B 9 31.23 6.33 8.55
N ARG B 10 31.05 7.26 9.50
CA ARG B 10 30.30 8.48 9.20
C ARG B 10 30.97 9.29 8.09
N ALA B 11 32.30 9.31 8.07
CA ALA B 11 33.02 10.01 6.99
C ALA B 11 32.72 9.40 5.63
N VAL B 12 32.72 8.06 5.53
CA VAL B 12 32.35 7.43 4.26
C VAL B 12 30.93 7.81 3.87
N LEU B 13 30.00 7.74 4.82
CA LEU B 13 28.63 8.08 4.50
C LEU B 13 28.53 9.53 4.03
N GLU B 14 29.34 10.42 4.63
CA GLU B 14 29.40 11.81 4.17
C GLU B 14 29.77 11.87 2.69
N LYS B 15 30.85 11.20 2.29
CA LYS B 15 31.34 11.36 0.93
C LYS B 15 30.45 10.65 -0.08
N LEU B 16 29.75 9.59 0.33
CA LEU B 16 28.78 8.96 -0.56
C LEU B 16 27.61 9.88 -0.82
N LYS B 17 27.17 10.64 0.19
CA LYS B 17 26.04 11.55 -0.02
C LYS B 17 26.42 12.72 -0.92
N LEU B 18 27.69 13.15 -0.86
CA LEU B 18 28.15 14.22 -1.75
C LEU B 18 28.11 13.77 -3.20
N SER B 19 28.56 12.54 -3.48
CA SER B 19 28.57 12.05 -4.85
C SER B 19 27.15 11.83 -5.36
N ARG B 20 26.20 11.56 -4.46
CA ARG B 20 24.80 11.44 -4.86
C ARG B 20 24.24 12.79 -5.30
N ASP B 21 24.56 13.86 -4.57
CA ASP B 21 24.12 15.18 -5.00
C ASP B 21 24.75 15.57 -6.34
N ASP B 22 26.05 15.33 -6.48
CA ASP B 22 26.78 15.69 -7.70
C ASP B 22 26.31 14.93 -8.93
N ILE B 23 25.45 13.93 -8.78
CA ILE B 23 24.98 13.12 -9.90
C ILE B 23 23.54 13.43 -10.30
N SER B 24 22.81 14.23 -9.51
CA SER B 24 21.39 14.44 -9.76
C SER B 24 21.11 14.90 -11.19
N THR B 25 22.03 15.65 -11.80
CA THR B 25 21.84 16.08 -13.18
C THR B 25 21.88 14.88 -14.12
N ALA B 26 22.80 13.95 -13.88
CA ALA B 26 22.90 12.76 -14.71
C ALA B 26 21.63 11.92 -14.66
N ALA B 27 21.00 11.83 -13.49
CA ALA B 27 19.74 11.11 -13.39
C ALA B 27 18.68 11.73 -14.27
N GLY B 28 18.72 13.06 -14.45
CA GLY B 28 17.76 13.70 -15.33
C GLY B 28 18.01 13.37 -16.80
N MET B 29 19.28 13.26 -17.19
CA MET B 29 19.59 12.77 -18.53
C MET B 29 19.05 11.35 -18.74
N VAL B 30 19.21 10.48 -17.74
CA VAL B 30 18.72 9.11 -17.90
C VAL B 30 17.20 9.10 -18.07
N LYS B 31 16.50 9.91 -17.27
CA LYS B 31 15.05 9.99 -17.37
C LYS B 31 14.61 10.40 -18.76
N GLY B 32 15.31 11.35 -19.37
CA GLY B 32 14.94 11.82 -20.70
C GLY B 32 15.06 10.73 -21.74
N VAL B 33 16.21 10.03 -21.74
CA VAL B 33 16.42 8.94 -22.69
C VAL B 33 15.46 7.80 -22.42
N VAL B 34 15.25 7.46 -21.15
CA VAL B 34 14.39 6.33 -20.81
C VAL B 34 12.96 6.60 -21.26
N ASP B 35 12.44 7.79 -20.99
CA ASP B 35 11.09 8.10 -21.43
C ASP B 35 11.00 8.05 -22.96
N HIS B 36 12.03 8.56 -23.65
CA HIS B 36 12.02 8.53 -25.10
C HIS B 36 11.99 7.09 -25.61
N LEU B 37 12.88 6.25 -25.09
CA LEU B 37 12.89 4.82 -25.45
C LEU B 37 11.53 4.19 -25.19
N LEU B 38 10.92 4.49 -24.04
CA LEU B 38 9.64 3.88 -23.70
C LEU B 38 8.56 4.27 -24.69
N LEU B 39 8.50 5.55 -25.08
CA LEU B 39 7.49 5.97 -26.06
C LEU B 39 7.58 5.17 -27.35
N ARG B 40 8.80 4.98 -27.86
CA ARG B 40 8.96 4.16 -29.07
C ARG B 40 8.51 2.74 -28.85
N LEU B 41 8.89 2.16 -27.71
CA LEU B 41 8.62 0.75 -27.45
C LEU B 41 7.13 0.47 -27.32
N LYS B 42 6.34 1.40 -26.78
CA LYS B 42 4.91 1.15 -26.66
C LYS B 42 4.19 1.19 -28.00
N CYS B 43 4.84 1.66 -29.05
CA CYS B 43 4.24 1.64 -30.37
C CYS B 43 4.35 0.27 -31.03
N ASP B 44 5.21 -0.60 -30.53
CA ASP B 44 5.33 -1.97 -30.99
C ASP B 44 4.30 -2.84 -30.28
N SER B 45 3.59 -3.68 -31.04
CA SER B 45 2.47 -4.43 -30.47
C SER B 45 2.94 -5.41 -29.41
N ALA B 46 4.17 -5.92 -29.52
CA ALA B 46 4.69 -6.87 -28.54
C ALA B 46 5.04 -6.19 -27.22
N PHE B 47 5.32 -4.89 -27.23
CA PHE B 47 5.75 -4.16 -26.05
C PHE B 47 4.79 -3.04 -25.71
N ARG B 48 3.50 -3.22 -26.01
CA ARG B 48 2.52 -2.16 -25.79
C ARG B 48 2.40 -1.81 -24.32
N GLY B 49 2.37 -2.82 -23.46
CA GLY B 49 2.22 -2.58 -22.04
C GLY B 49 3.52 -2.31 -21.30
N VAL B 50 4.57 -1.93 -22.03
CA VAL B 50 5.87 -1.74 -21.39
C VAL B 50 5.82 -0.50 -20.50
N GLY B 51 6.53 -0.56 -19.37
CA GLY B 51 6.53 0.54 -18.45
C GLY B 51 7.74 0.45 -17.55
N LEU B 52 7.91 1.48 -16.74
CA LEU B 52 9.02 1.54 -15.82
C LEU B 52 8.65 0.83 -14.52
N LEU B 53 9.58 0.04 -14.01
CA LEU B 53 9.50 -0.47 -12.65
C LEU B 53 10.32 0.43 -11.75
N SER B 57 11.02 5.36 -7.73
CA SER B 57 12.13 5.86 -8.53
C SER B 57 12.03 5.42 -9.98
N TYR B 58 13.01 5.85 -10.78
CA TYR B 58 13.14 5.42 -12.16
C TYR B 58 14.41 4.61 -12.42
N TYR B 59 15.36 4.61 -11.49
CA TYR B 59 16.65 3.98 -11.68
C TYR B 59 17.13 3.42 -10.35
N GLU B 60 18.16 2.58 -10.43
CA GLU B 60 18.83 2.03 -9.26
C GLU B 60 20.34 2.07 -9.51
N HIS B 61 21.10 1.93 -8.42
CA HIS B 61 22.56 1.92 -8.50
C HIS B 61 23.04 0.58 -7.95
N VAL B 62 23.36 -0.35 -8.86
CA VAL B 62 23.87 -1.65 -8.43
C VAL B 62 25.19 -1.48 -7.69
N LYS B 63 26.01 -0.52 -8.13
CA LYS B 63 27.30 -0.23 -7.53
C LYS B 63 27.21 1.13 -6.86
N ILE B 64 27.23 1.14 -5.53
CA ILE B 64 27.06 2.40 -4.81
C ILE B 64 28.22 3.36 -5.06
N SER B 65 29.39 2.84 -5.41
CA SER B 65 30.58 3.66 -5.62
C SER B 65 30.70 4.18 -7.05
N ALA B 66 29.76 3.82 -7.92
CA ALA B 66 29.76 4.25 -9.32
C ALA B 66 28.48 5.04 -9.56
N PRO B 67 28.43 6.30 -9.13
CA PRO B 67 27.18 7.07 -9.25
C PRO B 67 26.71 7.28 -10.69
N ASN B 68 27.62 7.18 -11.67
CA ASN B 68 27.27 7.41 -13.06
C ASN B 68 26.80 6.15 -13.79
N GLU B 69 26.76 5.01 -13.10
CA GLU B 69 26.29 3.76 -13.69
C GLU B 69 24.89 3.50 -13.15
N PHE B 70 23.89 3.57 -14.02
CA PHE B 70 22.51 3.42 -13.63
C PHE B 70 21.97 2.07 -14.08
N ASP B 71 20.94 1.60 -13.38
CA ASP B 71 20.29 0.34 -13.69
C ASP B 71 18.79 0.58 -13.72
N VAL B 72 18.16 0.23 -14.83
CA VAL B 72 16.73 0.45 -14.97
C VAL B 72 16.10 -0.86 -15.43
N MET B 73 14.85 -1.04 -15.05
CA MET B 73 14.07 -2.22 -15.38
C MET B 73 12.85 -1.75 -16.15
N PHE B 74 12.64 -2.35 -17.33
CA PHE B 74 11.41 -2.17 -18.09
C PHE B 74 10.55 -3.38 -17.83
N LYS B 75 9.34 -3.15 -17.34
CA LYS B 75 8.41 -4.23 -17.07
C LYS B 75 7.38 -4.32 -18.19
N LEU B 76 6.89 -5.53 -18.42
CA LEU B 76 5.88 -5.82 -19.44
C LEU B 76 4.91 -6.84 -18.86
N GLU B 77 3.65 -6.46 -18.69
CA GLU B 77 2.74 -7.38 -18.03
C GLU B 77 2.38 -8.54 -18.96
N VAL B 78 2.42 -9.75 -18.41
CA VAL B 78 2.03 -10.97 -19.12
C VAL B 78 0.79 -11.51 -18.41
N PRO B 79 -0.40 -11.33 -18.96
CA PRO B 79 -1.60 -11.85 -18.31
C PRO B 79 -1.68 -13.36 -18.43
N ARG B 80 -2.33 -13.98 -17.43
CA ARG B 80 -2.59 -15.41 -17.38
C ARG B 80 -1.34 -16.22 -17.74
N ILE B 81 -0.23 -15.89 -17.08
CA ILE B 81 1.00 -16.63 -17.27
C ILE B 81 0.89 -17.99 -16.55
N GLN B 82 1.54 -18.99 -17.11
CA GLN B 82 1.71 -20.26 -16.42
C GLN B 82 3.20 -20.60 -16.39
N LEU B 83 3.71 -20.91 -15.21
CA LEU B 83 5.13 -21.14 -15.02
C LEU B 83 5.42 -22.63 -14.85
N GLU B 84 6.55 -23.07 -15.40
CA GLU B 84 7.04 -24.43 -15.22
C GLU B 84 8.46 -24.34 -14.70
N GLU B 85 8.66 -24.82 -13.47
CA GLU B 85 9.97 -24.73 -12.84
C GLU B 85 10.98 -25.51 -13.66
N TYR B 86 12.13 -24.89 -13.91
CA TYR B 86 13.26 -25.57 -14.53
C TYR B 86 14.05 -26.35 -13.48
N SER B 87 14.11 -27.67 -13.67
CA SER B 87 15.09 -28.55 -13.01
C SER B 87 15.24 -28.28 -11.52
N ASN B 88 14.11 -28.18 -10.82
CA ASN B 88 14.04 -27.98 -9.38
C ASN B 88 14.93 -26.83 -8.89
N THR B 89 15.19 -25.82 -9.74
CA THR B 89 16.08 -24.73 -9.35
C THR B 89 15.41 -23.69 -8.44
N ARG B 90 14.09 -23.75 -8.28
CA ARG B 90 13.28 -22.86 -7.43
C ARG B 90 13.23 -21.41 -7.94
N ALA B 91 14.25 -20.92 -8.65
CA ALA B 91 14.22 -19.53 -9.13
C ALA B 91 14.07 -19.39 -10.63
N TYR B 92 14.31 -20.43 -11.41
CA TYR B 92 14.30 -20.36 -12.86
C TYR B 92 13.10 -21.11 -13.40
N TYR B 93 12.45 -20.53 -14.42
CA TYR B 93 11.19 -21.05 -14.92
C TYR B 93 11.14 -20.91 -16.43
N PHE B 94 10.39 -21.81 -17.05
CA PHE B 94 9.91 -21.60 -18.41
C PHE B 94 8.60 -20.86 -18.31
N VAL B 95 8.34 -20.00 -19.30
CA VAL B 95 7.12 -19.22 -19.34
C VAL B 95 6.23 -19.80 -20.45
N LYS B 96 5.04 -20.22 -20.07
CA LYS B 96 4.00 -20.63 -21.00
C LYS B 96 2.75 -19.77 -20.76
N PHE B 97 1.83 -19.82 -21.70
CA PHE B 97 0.61 -19.03 -21.64
C PHE B 97 -0.61 -19.94 -21.55
N LYS B 98 -1.65 -19.44 -20.88
CA LYS B 98 -2.84 -20.24 -20.64
C LYS B 98 -3.78 -20.27 -21.84
N ARG B 99 -4.08 -19.10 -22.40
CA ARG B 99 -4.97 -19.05 -23.57
C ARG B 99 -4.19 -18.74 -24.85
N GLU B 103 -3.77 -13.20 -31.17
CA GLU B 103 -4.43 -13.00 -29.88
C GLU B 103 -3.42 -12.63 -28.81
N ASN B 104 -2.56 -13.57 -28.46
CA ASN B 104 -1.50 -13.30 -27.50
C ASN B 104 -0.45 -12.41 -28.14
N PRO B 105 -0.27 -11.17 -27.67
CA PRO B 105 0.67 -10.25 -28.37
C PRO B 105 2.10 -10.74 -28.39
N LEU B 106 2.46 -11.71 -27.54
CA LEU B 106 3.80 -12.27 -27.50
C LEU B 106 3.92 -13.59 -28.25
N SER B 107 2.87 -13.99 -28.99
CA SER B 107 2.90 -15.27 -29.69
C SER B 107 4.02 -15.31 -30.73
N GLN B 108 4.35 -14.17 -31.32
CA GLN B 108 5.48 -14.11 -32.25
C GLN B 108 6.79 -14.54 -31.62
N PHE B 109 6.85 -14.62 -30.29
CA PHE B 109 8.04 -15.00 -29.55
C PHE B 109 8.01 -16.44 -29.05
N LEU B 110 6.96 -17.21 -29.36
CA LEU B 110 6.91 -18.57 -28.89
C LEU B 110 7.92 -19.44 -29.62
N GLU B 111 8.44 -20.44 -28.90
CA GLU B 111 9.25 -21.52 -29.47
C GLU B 111 8.59 -22.80 -28.98
N GLY B 112 7.54 -23.22 -29.68
CA GLY B 112 6.70 -24.29 -29.19
C GLY B 112 5.65 -23.75 -28.26
N GLU B 113 5.65 -24.22 -27.01
CA GLU B 113 4.71 -23.75 -26.01
C GLU B 113 5.33 -22.81 -24.98
N ILE B 114 6.63 -22.56 -25.05
CA ILE B 114 7.29 -21.68 -24.09
C ILE B 114 7.66 -20.37 -24.76
N LEU B 115 7.73 -19.31 -23.95
CA LEU B 115 8.16 -18.01 -24.42
C LEU B 115 9.66 -17.99 -24.58
N SER B 116 10.14 -17.60 -25.76
CA SER B 116 11.57 -17.57 -26.00
C SER B 116 12.16 -16.27 -25.46
N ALA B 117 13.00 -16.39 -24.44
CA ALA B 117 13.75 -15.23 -23.96
C ALA B 117 14.71 -14.72 -25.03
N SER B 118 15.27 -15.63 -25.84
CA SER B 118 16.18 -15.21 -26.90
C SER B 118 15.45 -14.42 -27.97
N LYS B 119 14.28 -14.88 -28.39
CA LYS B 119 13.50 -14.11 -29.37
C LYS B 119 13.07 -12.77 -28.79
N MET B 120 12.65 -12.74 -27.52
CA MET B 120 12.18 -11.50 -26.93
C MET B 120 13.33 -10.50 -26.81
N LEU B 121 14.46 -10.94 -26.28
CA LEU B 121 15.62 -10.06 -26.15
C LEU B 121 16.11 -9.57 -27.51
N SER B 122 16.05 -10.43 -28.53
CA SER B 122 16.52 -10.03 -29.85
C SER B 122 15.74 -8.84 -30.38
N LYS B 123 14.40 -8.89 -30.28
CA LYS B 123 13.60 -7.77 -30.75
C LYS B 123 13.73 -6.57 -29.82
N PHE B 124 13.75 -6.83 -28.51
CA PHE B 124 14.00 -5.77 -27.54
C PHE B 124 15.28 -5.02 -27.87
N ARG B 125 16.37 -5.76 -28.05
CA ARG B 125 17.64 -5.14 -28.43
C ARG B 125 17.52 -4.36 -29.74
N LYS B 126 16.73 -4.87 -30.69
CA LYS B 126 16.66 -4.23 -32.00
C LYS B 126 15.90 -2.91 -31.94
N ILE B 127 14.77 -2.89 -31.23
CA ILE B 127 13.98 -1.67 -31.11
C ILE B 127 14.79 -0.57 -30.43
N ILE B 128 15.47 -0.92 -29.34
CA ILE B 128 16.33 0.05 -28.66
C ILE B 128 17.42 0.54 -29.58
N LYS B 129 17.98 -0.35 -30.41
CA LYS B 129 19.01 0.06 -31.35
C LYS B 129 18.47 1.07 -32.36
N GLU B 130 17.26 0.82 -32.86
CA GLU B 130 16.68 1.69 -33.88
C GLU B 130 16.50 3.12 -33.36
N GLU B 131 16.01 3.26 -32.13
CA GLU B 131 15.67 4.57 -31.59
C GLU B 131 16.86 5.28 -30.97
N ILE B 132 17.91 4.56 -30.57
CA ILE B 132 19.12 5.17 -30.04
C ILE B 132 19.90 5.83 -31.18
N ASP B 134 18.93 7.21 -33.72
CA ASP B 134 18.06 8.37 -33.89
C ASP B 134 18.13 9.33 -32.71
N ILE B 135 19.23 9.29 -31.97
CA ILE B 135 19.39 10.16 -30.81
C ILE B 135 20.85 10.55 -30.64
N VAL B 140 25.77 9.21 -27.09
CA VAL B 140 24.59 8.39 -26.83
C VAL B 140 24.63 7.12 -27.67
N ILE B 141 25.52 6.20 -27.30
CA ILE B 141 25.68 4.94 -28.02
C ILE B 141 24.96 3.82 -27.26
N MET B 142 25.09 2.60 -27.77
CA MET B 142 24.46 1.43 -27.16
C MET B 142 25.42 0.25 -27.22
N LYS B 143 25.58 -0.43 -26.09
CA LYS B 143 26.56 -1.50 -25.95
C LYS B 143 25.86 -2.84 -25.76
N ARG B 144 26.53 -3.90 -26.19
CA ARG B 144 25.99 -5.24 -26.11
C ARG B 144 26.16 -5.82 -24.71
N LYS B 145 25.25 -6.70 -24.34
CA LYS B 145 25.32 -7.39 -23.06
C LYS B 145 26.14 -8.67 -23.19
N ARG B 146 26.57 -9.20 -22.04
CA ARG B 146 27.33 -10.44 -22.02
C ARG B 146 26.40 -11.64 -22.03
N GLY B 148 21.63 -12.33 -20.53
CA GLY B 148 20.27 -11.97 -20.88
C GLY B 148 19.78 -10.75 -20.14
N SER B 149 20.23 -10.59 -18.91
CA SER B 149 19.78 -9.49 -18.09
C SER B 149 20.97 -8.85 -17.40
N ALA B 151 20.11 -6.60 -20.59
CA ALA B 151 19.89 -6.82 -22.01
C ALA B 151 20.78 -5.91 -22.85
N VAL B 152 20.78 -4.62 -22.52
CA VAL B 152 21.61 -3.64 -23.21
C VAL B 152 22.20 -2.67 -22.19
N THR B 153 23.29 -2.03 -22.59
CA THR B 153 23.88 -0.92 -21.85
C THR B 153 23.93 0.29 -22.78
N LEU B 154 23.24 1.36 -22.38
CA LEU B 154 23.36 2.64 -23.09
C LEU B 154 24.46 3.47 -22.44
N LEU B 155 25.25 4.13 -23.28
CA LEU B 155 26.18 5.16 -22.83
C LEU B 155 25.61 6.51 -23.23
N ILE B 156 25.49 7.43 -22.28
CA ILE B 156 24.85 8.71 -22.49
C ILE B 156 25.88 9.80 -22.23
N SER B 157 26.17 10.59 -23.26
CA SER B 157 26.97 11.82 -23.18
C SER B 157 28.21 11.62 -22.29
N GLU B 158 29.07 10.69 -22.72
CA GLU B 158 30.30 10.37 -22.01
C GLU B 158 30.03 9.97 -20.56
N ILE B 160 28.12 8.43 -18.26
CA ILE B 160 26.84 7.87 -17.82
C ILE B 160 26.48 6.62 -18.61
N SER B 161 26.41 5.47 -17.94
CA SER B 161 25.91 4.26 -18.56
C SER B 161 24.64 3.80 -17.86
N VAL B 162 23.75 3.16 -18.64
CA VAL B 162 22.44 2.77 -18.17
C VAL B 162 22.20 1.33 -18.60
N ASP B 163 22.25 0.40 -17.65
CA ASP B 163 21.89 -0.99 -17.91
C ASP B 163 20.38 -1.13 -17.94
N ILE B 164 19.84 -1.68 -19.01
CA ILE B 164 18.40 -1.87 -19.14
C ILE B 164 18.08 -3.37 -19.09
N THR B 165 17.23 -3.75 -18.16
CA THR B 165 16.76 -5.13 -18.01
C THR B 165 15.29 -5.17 -18.39
N LEU B 166 14.94 -6.13 -19.23
CA LEU B 166 13.56 -6.42 -19.54
C LEU B 166 12.99 -7.41 -18.52
N ALA B 167 11.77 -7.14 -18.07
CA ALA B 167 11.12 -7.97 -17.06
C ALA B 167 9.66 -8.20 -17.42
N LEU B 168 9.24 -9.46 -17.39
CA LEU B 168 7.81 -9.77 -17.47
C LEU B 168 7.18 -9.56 -16.10
N GLU B 169 5.95 -9.05 -16.11
CA GLU B 169 5.20 -8.80 -14.89
C GLU B 169 4.03 -9.76 -14.84
N SER B 170 3.88 -10.47 -13.72
CA SER B 170 2.73 -11.33 -13.50
C SER B 170 1.98 -10.88 -12.25
N LYS B 171 0.67 -10.64 -12.40
CA LYS B 171 -0.17 -10.26 -11.27
C LYS B 171 -0.83 -11.45 -10.61
N SER B 172 -0.31 -12.65 -10.85
CA SER B 172 -0.83 -13.86 -10.24
C SER B 172 -0.15 -14.10 -8.89
N SER B 173 -0.66 -15.09 -8.16
CA SER B 173 -0.04 -15.45 -6.89
C SER B 173 1.43 -15.79 -7.10
N TRP B 174 2.27 -15.44 -6.13
CA TRP B 174 3.69 -15.71 -6.27
C TRP B 174 3.93 -17.22 -6.37
N PRO B 175 5.02 -17.65 -7.01
CA PRO B 175 5.27 -19.10 -7.13
C PRO B 175 5.46 -19.76 -5.77
N ALA B 176 5.19 -21.07 -5.76
CA ALA B 176 5.20 -21.84 -4.53
C ALA B 176 6.58 -21.87 -3.87
N SER B 177 7.65 -21.68 -4.64
CA SER B 177 8.98 -21.63 -4.05
C SER B 177 9.17 -20.42 -3.14
N THR B 178 8.25 -19.44 -3.17
CA THR B 178 8.34 -18.27 -2.30
C THR B 178 7.51 -18.41 -1.03
N GLN B 179 6.82 -19.55 -0.87
CA GLN B 179 5.79 -19.65 0.15
C GLN B 179 6.34 -19.42 1.55
N GLU B 180 7.58 -19.83 1.79
CA GLU B 180 8.23 -19.67 3.09
C GLU B 180 9.20 -18.51 3.13
N GLY B 181 9.27 -17.70 2.08
CA GLY B 181 10.18 -16.57 2.04
C GLY B 181 9.60 -15.31 2.65
N LEU B 182 10.35 -14.22 2.52
CA LEU B 182 9.94 -12.90 2.98
C LEU B 182 9.45 -12.98 4.43
N ARG B 183 10.32 -13.50 5.29
CA ARG B 183 9.96 -13.76 6.69
C ARG B 183 10.06 -12.46 7.48
N ILE B 184 9.17 -11.52 7.13
CA ILE B 184 9.18 -10.19 7.76
C ILE B 184 8.13 -10.06 8.86
N GLN B 185 7.44 -11.16 9.22
CA GLN B 185 6.23 -11.05 10.05
C GLN B 185 6.54 -10.43 11.40
N ASN B 186 7.68 -10.75 12.00
CA ASN B 186 7.96 -10.17 13.31
C ASN B 186 8.61 -8.81 13.23
N TRP B 187 8.95 -8.35 12.04
CA TRP B 187 9.63 -7.08 11.82
C TRP B 187 8.67 -6.06 11.23
N LEU B 188 8.23 -6.26 9.99
CA LEU B 188 7.33 -5.33 9.31
C LEU B 188 5.86 -5.70 9.45
N SER B 189 5.55 -6.91 9.94
CA SER B 189 4.21 -7.42 10.29
C SER B 189 3.66 -8.40 9.29
N ALA B 190 2.83 -9.32 9.78
CA ALA B 190 2.11 -10.25 8.91
C ALA B 190 1.20 -9.50 7.93
N LYS B 191 0.59 -8.39 8.38
CA LYS B 191 -0.29 -7.63 7.50
C LYS B 191 0.48 -7.09 6.31
N VAL B 192 1.70 -6.61 6.54
CA VAL B 192 2.51 -6.10 5.45
C VAL B 192 2.96 -7.21 4.53
N ARG B 193 3.37 -8.35 5.10
CA ARG B 193 3.74 -9.49 4.26
C ARG B 193 2.59 -9.86 3.33
N LYS B 194 1.36 -9.87 3.86
CA LYS B 194 0.22 -10.19 3.02
C LYS B 194 0.06 -9.16 1.92
N GLN B 195 0.17 -7.88 2.25
CA GLN B 195 0.05 -6.83 1.26
C GLN B 195 1.14 -6.95 0.19
N LEU B 196 2.39 -7.20 0.60
CA LEU B 196 3.45 -7.28 -0.41
C LEU B 196 3.25 -8.47 -1.32
N ARG B 197 2.80 -9.59 -0.77
CA ARG B 197 2.64 -10.77 -1.61
C ARG B 197 1.41 -10.67 -2.51
N LEU B 198 0.57 -9.66 -2.33
CA LEU B 198 -0.47 -9.36 -3.30
C LEU B 198 0.02 -8.50 -4.46
N LYS B 199 1.22 -7.94 -4.36
CA LYS B 199 1.81 -7.22 -5.48
C LYS B 199 2.22 -8.22 -6.58
N PRO B 200 2.49 -7.74 -7.78
CA PRO B 200 3.00 -8.65 -8.82
C PRO B 200 4.39 -9.15 -8.51
N PHE B 201 4.81 -10.15 -9.29
CA PHE B 201 6.21 -10.56 -9.31
C PHE B 201 6.74 -10.41 -10.73
N TYR B 202 8.06 -10.46 -10.86
CA TYR B 202 8.68 -10.22 -12.15
C TYR B 202 9.55 -11.41 -12.53
N LEU B 203 9.77 -11.53 -13.84
CA LEU B 203 10.61 -12.57 -14.43
C LEU B 203 11.58 -11.92 -15.41
N VAL B 204 12.88 -12.12 -15.21
CA VAL B 204 13.88 -11.54 -16.09
C VAL B 204 14.57 -12.66 -16.87
N PRO B 205 14.91 -12.43 -18.14
CA PRO B 205 15.56 -13.49 -18.92
C PRO B 205 16.92 -13.79 -18.33
N LYS B 206 17.17 -15.07 -18.08
CA LYS B 206 18.41 -15.45 -17.42
C LYS B 206 18.63 -16.92 -17.71
N HIS B 207 19.73 -17.25 -18.38
CA HIS B 207 19.96 -18.65 -18.66
C HIS B 207 20.45 -19.35 -17.40
N ALA B 208 20.17 -20.64 -17.32
CA ALA B 208 20.49 -21.44 -16.14
C ALA B 208 21.58 -22.44 -16.50
N LYS B 209 22.52 -22.61 -15.57
CA LYS B 209 23.65 -23.51 -15.78
C LYS B 209 23.44 -24.83 -15.05
N GLY B 213 27.65 -26.13 -20.72
CA GLY B 213 26.48 -25.64 -21.42
C GLY B 213 25.54 -24.84 -20.53
N PHE B 214 24.54 -24.22 -21.14
CA PHE B 214 23.55 -23.44 -20.42
C PHE B 214 22.18 -23.74 -20.98
N GLN B 215 21.17 -23.68 -20.10
CA GLN B 215 19.78 -23.80 -20.50
C GLN B 215 19.25 -22.42 -20.85
N GLU B 216 19.05 -22.17 -22.13
CA GLU B 216 18.43 -20.93 -22.56
C GLU B 216 16.91 -21.03 -22.37
N GLU B 217 16.22 -19.94 -22.66
CA GLU B 217 14.76 -19.81 -22.61
C GLU B 217 14.18 -19.86 -21.21
N THR B 218 15.02 -19.81 -20.17
CA THR B 218 14.53 -19.72 -18.80
C THR B 218 14.47 -18.27 -18.36
N TRP B 219 13.64 -18.02 -17.35
CA TRP B 219 13.46 -16.71 -16.74
C TRP B 219 13.57 -16.85 -15.22
N ARG B 220 14.15 -15.83 -14.58
CA ARG B 220 14.43 -15.88 -13.16
C ARG B 220 13.52 -14.91 -12.42
N LEU B 221 13.02 -15.35 -11.26
CA LEU B 221 12.17 -14.50 -10.45
C LEU B 221 12.92 -13.23 -10.04
N SER B 222 12.20 -12.11 -10.01
CA SER B 222 12.78 -10.86 -9.56
C SER B 222 11.79 -10.19 -8.62
N PHE B 223 12.30 -9.69 -7.50
CA PHE B 223 11.49 -9.02 -6.50
C PHE B 223 12.09 -7.67 -6.15
N SER B 224 12.76 -7.04 -7.12
CA SER B 224 13.43 -5.76 -6.90
C SER B 224 12.48 -4.71 -6.34
N HIS B 225 11.21 -4.76 -6.71
CA HIS B 225 10.27 -3.75 -6.25
C HIS B 225 9.96 -3.93 -4.77
N ILE B 226 9.91 -5.19 -4.31
CA ILE B 226 9.70 -5.47 -2.90
C ILE B 226 10.95 -5.09 -2.10
N GLU B 227 12.13 -5.38 -2.65
CA GLU B 227 13.36 -5.04 -1.93
C GLU B 227 13.45 -3.53 -1.70
N LYS B 228 13.10 -2.75 -2.72
CA LYS B 228 13.09 -1.30 -2.59
C LYS B 228 12.10 -0.84 -1.53
N GLU B 229 10.89 -1.42 -1.53
CA GLU B 229 9.86 -1.05 -0.55
C GLU B 229 10.30 -1.34 0.87
N ILE B 230 10.87 -2.53 1.10
CA ILE B 230 11.33 -2.95 2.42
C ILE B 230 12.50 -2.09 2.90
N LEU B 231 13.27 -1.53 1.97
CA LEU B 231 14.42 -0.73 2.39
C LEU B 231 14.02 0.71 2.70
N ASN B 232 13.07 1.25 1.95
CA ASN B 232 12.60 2.61 2.13
C ASN B 232 11.48 2.72 3.16
N ASN B 233 10.88 1.59 3.55
CA ASN B 233 9.86 1.58 4.60
C ASN B 233 10.23 0.43 5.53
N HIS B 234 11.25 0.66 6.36
CA HIS B 234 12.08 -0.39 6.94
C HIS B 234 11.93 -0.58 8.45
N GLY B 235 11.18 0.26 9.13
CA GLY B 235 11.07 0.17 10.57
C GLY B 235 9.88 -0.64 11.02
N LYS B 236 9.95 -1.17 12.25
CA LYS B 236 8.73 -1.66 12.87
C LYS B 236 7.76 -0.51 13.12
N SER B 237 8.28 0.63 13.56
CA SER B 237 7.49 1.86 13.69
C SER B 237 7.25 2.46 12.31
N LYS B 238 6.01 2.86 12.04
CA LYS B 238 5.72 3.53 10.79
C LYS B 238 6.49 4.85 10.68
N THR B 239 6.85 5.47 11.80
CA THR B 239 7.54 6.76 11.75
C THR B 239 9.05 6.59 11.93
N CYS B 240 9.56 5.37 11.76
CA CYS B 240 11.01 5.18 11.83
C CYS B 240 11.71 6.15 10.89
N CYS B 241 12.72 6.86 11.42
CA CYS B 241 13.50 7.85 10.71
C CYS B 241 12.74 9.11 10.28
N GLU B 242 11.49 9.30 10.72
CA GLU B 242 10.77 10.52 10.36
C GLU B 242 10.93 11.63 11.40
N ASN B 243 11.66 11.37 12.47
CA ASN B 243 11.87 12.37 13.49
C ASN B 243 13.15 12.01 14.22
N LYS B 244 13.58 12.92 15.10
CA LYS B 244 14.86 12.78 15.78
C LYS B 244 14.86 11.61 16.76
N GLU B 245 13.74 11.36 17.43
CA GLU B 245 13.78 10.27 18.39
C GLU B 245 13.79 8.90 17.73
N GLU B 246 13.50 8.80 16.43
CA GLU B 246 13.39 7.50 15.78
C GLU B 246 14.37 7.32 14.61
N LYS B 247 15.49 8.06 14.57
CA LYS B 247 16.48 7.80 13.54
C LYS B 247 17.16 6.46 13.78
N CYS B 248 17.14 5.58 12.77
CA CYS B 248 17.83 4.30 12.80
C CYS B 248 18.98 4.29 11.80
N CYS B 249 19.84 3.26 11.88
CA CYS B 249 20.97 3.20 10.96
C CYS B 249 20.89 2.02 10.00
N ARG B 250 19.68 1.52 9.71
CA ARG B 250 19.53 0.38 8.83
C ARG B 250 20.04 0.70 7.42
N LYS B 251 19.59 1.82 6.84
CA LYS B 251 20.00 2.13 5.48
C LYS B 251 21.50 2.37 5.40
N ASP B 252 22.06 3.04 6.41
CA ASP B 252 23.49 3.32 6.41
C ASP B 252 24.32 2.04 6.52
N CYS B 253 23.84 1.05 7.27
CA CYS B 253 24.58 -0.21 7.37
C CYS B 253 24.63 -0.90 6.02
N LEU B 254 23.52 -0.88 5.28
CA LEU B 254 23.54 -1.50 3.96
C LEU B 254 24.44 -0.72 3.00
N LYS B 255 24.43 0.62 3.09
CA LYS B 255 25.32 1.41 2.23
C LYS B 255 26.77 1.02 2.50
N LEU B 256 27.12 0.90 3.77
CA LEU B 256 28.52 0.62 4.10
C LEU B 256 28.91 -0.81 3.75
N MET B 257 27.98 -1.77 3.86
CA MET B 257 28.27 -3.12 3.40
C MET B 257 28.47 -3.15 1.88
N LYS B 258 27.62 -2.47 1.13
CA LYS B 258 27.82 -2.43 -0.31
C LYS B 258 29.14 -1.76 -0.67
N TYR B 259 29.45 -0.64 -0.03
CA TYR B 259 30.70 0.07 -0.33
C TYR B 259 31.92 -0.77 0.03
N LEU B 260 31.87 -1.49 1.17
CA LEU B 260 32.95 -2.41 1.50
C LEU B 260 33.18 -3.43 0.39
N LEU B 261 32.11 -4.09 -0.06
CA LEU B 261 32.29 -5.12 -1.09
C LEU B 261 32.83 -4.52 -2.38
N GLU B 262 32.33 -3.35 -2.78
CA GLU B 262 32.76 -2.80 -4.06
C GLU B 262 34.22 -2.35 -4.01
N GLN B 263 34.65 -1.83 -2.87
CA GLN B 263 36.05 -1.41 -2.70
C GLN B 263 36.98 -2.61 -2.71
N LEU B 264 36.59 -3.71 -2.05
CA LEU B 264 37.37 -4.94 -2.10
C LEU B 264 37.38 -5.53 -3.51
N LYS B 265 36.26 -5.44 -4.22
CA LYS B 265 36.23 -5.95 -5.58
C LYS B 265 37.15 -5.15 -6.48
N GLU B 266 37.22 -3.83 -6.29
CA GLU B 266 38.14 -3.02 -7.09
C GLU B 266 39.59 -3.30 -6.73
N ARG B 267 39.89 -3.43 -5.43
CA ARG B 267 41.27 -3.64 -5.02
C ARG B 267 41.81 -4.97 -5.53
N PHE B 268 40.96 -6.00 -5.59
CA PHE B 268 41.39 -7.33 -5.98
C PHE B 268 40.86 -7.72 -7.36
N LYS B 269 40.57 -6.73 -8.20
CA LYS B 269 40.05 -7.01 -9.53
C LYS B 269 41.02 -7.80 -10.40
N ASP B 270 42.32 -7.73 -10.11
CA ASP B 270 43.28 -8.49 -10.90
C ASP B 270 43.27 -9.98 -10.57
N LYS B 271 42.54 -10.37 -9.53
CA LYS B 271 42.33 -11.78 -9.21
C LYS B 271 40.91 -12.18 -9.58
N LYS B 272 40.70 -13.49 -9.73
CA LYS B 272 39.37 -13.99 -10.04
C LYS B 272 38.49 -14.12 -8.81
N HIS B 273 39.05 -13.95 -7.60
CA HIS B 273 38.39 -14.48 -6.40
C HIS B 273 37.07 -13.78 -6.11
N LEU B 274 36.98 -12.47 -6.37
CA LEU B 274 35.81 -11.70 -5.94
C LEU B 274 34.83 -11.42 -7.06
N ASP B 275 35.03 -12.00 -8.25
CA ASP B 275 34.21 -11.63 -9.40
C ASP B 275 32.75 -12.03 -9.22
N LYS B 276 32.48 -13.12 -8.52
CA LYS B 276 31.12 -13.63 -8.44
C LYS B 276 30.28 -12.98 -7.35
N PHE B 277 30.88 -12.19 -6.45
CA PHE B 277 30.13 -11.54 -5.38
C PHE B 277 29.54 -10.23 -5.86
N SER B 278 28.32 -9.92 -5.41
CA SER B 278 27.66 -8.73 -5.89
C SER B 278 26.92 -8.06 -4.73
N SER B 279 26.48 -6.82 -4.98
CA SER B 279 25.68 -6.11 -3.99
C SER B 279 24.42 -6.88 -3.63
N TYR B 280 23.96 -7.79 -4.50
CA TYR B 280 22.79 -8.59 -4.17
C TYR B 280 23.08 -9.50 -2.97
N HIS B 281 24.29 -10.05 -2.87
CA HIS B 281 24.61 -10.90 -1.73
C HIS B 281 24.60 -10.09 -0.45
N VAL B 282 25.20 -8.90 -0.48
CA VAL B 282 25.21 -8.04 0.70
C VAL B 282 23.79 -7.65 1.09
N LYS B 283 22.97 -7.33 0.09
CA LYS B 283 21.60 -6.90 0.33
C LYS B 283 20.77 -8.03 0.93
N THR B 284 20.94 -9.24 0.40
CA THR B 284 20.26 -10.41 0.94
C THR B 284 20.67 -10.67 2.39
N ALA B 285 21.98 -10.68 2.67
CA ALA B 285 22.43 -10.87 4.05
C ALA B 285 21.85 -9.80 4.96
N PHE B 286 21.83 -8.55 4.49
CA PHE B 286 21.29 -7.46 5.28
C PHE B 286 19.81 -7.68 5.61
N PHE B 287 19.01 -8.11 4.63
CA PHE B 287 17.62 -8.39 4.93
C PHE B 287 17.48 -9.51 5.98
N HIS B 288 18.37 -10.51 5.94
CA HIS B 288 18.31 -11.53 6.98
C HIS B 288 18.62 -10.91 8.34
N VAL B 289 19.57 -9.97 8.38
CA VAL B 289 19.91 -9.33 9.66
C VAL B 289 18.74 -8.51 10.17
N CYS B 290 18.01 -7.87 9.26
CA CYS B 290 16.80 -7.16 9.67
C CYS B 290 15.79 -8.12 10.28
N THR B 291 15.67 -9.32 9.73
CA THR B 291 14.74 -10.29 10.29
C THR B 291 15.16 -10.73 11.69
N GLN B 292 16.47 -10.98 11.90
CA GLN B 292 17.02 -11.36 13.20
C GLN B 292 16.93 -10.24 14.24
N ASN B 293 16.86 -9.00 13.80
CA ASN B 293 16.89 -7.82 14.66
C ASN B 293 15.72 -6.93 14.32
N PRO B 294 14.51 -7.33 14.72
CA PRO B 294 13.31 -6.65 14.20
C PRO B 294 12.99 -5.33 14.88
N GLN B 295 13.51 -5.03 16.06
CA GLN B 295 13.09 -3.85 16.81
C GLN B 295 13.92 -2.63 16.42
N ASP B 296 13.25 -1.49 16.32
CA ASP B 296 13.98 -0.30 15.87
C ASP B 296 15.06 0.11 16.86
N SER B 297 14.86 -0.17 18.14
CA SER B 297 15.87 0.19 19.14
C SER B 297 17.16 -0.61 18.94
N GLN B 298 17.10 -1.70 18.19
CA GLN B 298 18.34 -2.43 17.89
C GLN B 298 19.15 -1.75 16.81
N TRP B 299 18.65 -0.65 16.25
CA TRP B 299 19.28 0.03 15.12
C TRP B 299 19.46 1.52 15.38
N ASP B 300 19.48 1.91 16.64
CA ASP B 300 19.71 3.30 17.01
C ASP B 300 20.92 3.84 16.26
N ARG B 301 20.75 4.99 15.60
CA ARG B 301 21.83 5.59 14.83
C ARG B 301 23.06 5.87 15.68
N LYS B 302 22.89 6.02 16.99
CA LYS B 302 24.02 6.18 17.92
C LYS B 302 24.87 4.93 18.01
N ASP B 303 24.33 3.77 17.63
CA ASP B 303 25.04 2.51 17.67
C ASP B 303 25.53 2.08 16.28
N LEU B 304 25.73 3.03 15.36
CA LEU B 304 26.08 2.67 13.99
C LEU B 304 27.31 1.78 13.93
N GLY B 305 28.31 2.07 14.78
CA GLY B 305 29.53 1.29 14.78
C GLY B 305 29.27 -0.18 15.06
N LEU B 306 28.49 -0.45 16.11
CA LEU B 306 28.18 -1.83 16.48
C LEU B 306 27.21 -2.46 15.51
N CYS B 307 26.23 -1.70 15.02
CA CYS B 307 25.29 -2.25 14.05
C CYS B 307 26.02 -2.69 12.78
N PHE B 308 26.92 -1.85 12.27
CA PHE B 308 27.67 -2.25 11.08
C PHE B 308 28.52 -3.47 11.35
N ASP B 309 29.12 -3.54 12.53
CA ASP B 309 30.01 -4.66 12.81
C ASP B 309 29.20 -5.95 12.85
N ASN B 310 27.97 -5.87 13.35
CA ASN B 310 27.14 -7.06 13.42
C ASN B 310 26.67 -7.48 12.04
N CYS B 311 26.46 -6.51 11.16
CA CYS B 311 26.15 -6.78 9.76
C CYS B 311 27.30 -7.50 9.07
N VAL B 312 28.50 -6.95 9.20
CA VAL B 312 29.69 -7.60 8.64
C VAL B 312 29.81 -9.02 9.18
N THR B 313 29.67 -9.16 10.50
CA THR B 313 29.79 -10.46 11.14
C THR B 313 28.78 -11.46 10.59
N TYR B 314 27.54 -11.04 10.37
CA TYR B 314 26.55 -11.95 9.80
C TYR B 314 26.97 -12.39 8.41
N PHE B 315 27.41 -11.43 7.58
CA PHE B 315 27.85 -11.76 6.24
C PHE B 315 29.02 -12.74 6.27
N LEU B 316 29.93 -12.56 7.24
CA LEU B 316 31.07 -13.47 7.36
C LEU B 316 30.60 -14.88 7.73
N GLN B 317 29.62 -14.99 8.64
CA GLN B 317 29.07 -16.30 8.98
C GLN B 317 28.44 -16.97 7.78
N CYS B 318 27.74 -16.20 6.95
CA CYS B 318 27.21 -16.75 5.69
C CYS B 318 28.34 -17.28 4.81
N LEU B 319 29.41 -16.50 4.67
CA LEU B 319 30.55 -16.97 3.86
C LEU B 319 31.14 -18.26 4.40
N ARG B 320 31.38 -18.31 5.71
CA ARG B 320 32.05 -19.48 6.28
C ARG B 320 31.19 -20.72 6.17
N THR B 321 29.88 -20.57 6.39
CA THR B 321 28.97 -21.71 6.36
C THR B 321 28.48 -22.01 4.95
N GLU B 322 28.81 -21.14 3.99
CA GLU B 322 28.36 -21.30 2.60
C GLU B 322 26.84 -21.41 2.54
N LYS B 323 26.17 -20.58 3.33
CA LYS B 323 24.71 -20.53 3.35
C LYS B 323 24.28 -19.07 3.26
N LEU B 324 23.63 -18.73 2.16
CA LEU B 324 23.00 -17.40 2.04
C LEU B 324 21.70 -17.65 1.27
N GLU B 325 20.64 -17.90 2.02
CA GLU B 325 19.33 -18.11 1.41
C GLU B 325 18.84 -16.87 0.71
N ASN B 326 18.36 -17.02 -0.51
CA ASN B 326 17.58 -15.96 -1.13
C ASN B 326 16.44 -15.55 -0.21
N TYR B 327 16.29 -14.24 -0.02
CA TYR B 327 15.34 -13.74 0.99
C TYR B 327 13.92 -14.10 0.65
N PHE B 328 13.64 -14.31 -0.64
CA PHE B 328 12.30 -14.60 -1.11
C PHE B 328 12.09 -16.07 -1.42
N ILE B 329 13.17 -16.78 -1.73
CA ILE B 329 13.13 -18.17 -2.18
C ILE B 329 14.06 -18.96 -1.27
N PRO B 330 13.58 -19.41 -0.10
CA PRO B 330 14.51 -19.90 0.92
C PRO B 330 15.32 -21.12 0.50
N GLU B 331 14.83 -21.91 -0.44
CA GLU B 331 15.58 -23.09 -0.85
C GLU B 331 16.67 -22.78 -1.85
N PHE B 332 16.79 -21.53 -2.29
CA PHE B 332 17.84 -21.12 -3.19
C PHE B 332 19.00 -20.56 -2.39
N ASN B 333 20.12 -21.24 -2.43
CA ASN B 333 21.31 -20.86 -1.68
C ASN B 333 22.23 -20.06 -2.60
N LEU B 334 22.29 -18.74 -2.40
CA LEU B 334 23.19 -17.92 -3.18
C LEU B 334 24.65 -18.31 -2.99
N PHE B 335 24.99 -18.94 -1.86
CA PHE B 335 26.37 -19.29 -1.58
C PHE B 335 26.63 -20.79 -1.75
N SER B 336 25.79 -21.49 -2.49
CA SER B 336 26.07 -22.89 -2.81
C SER B 336 27.44 -22.99 -3.46
N SER B 337 28.13 -24.13 -3.24
CA SER B 337 29.40 -24.29 -3.93
C SER B 337 29.23 -24.55 -5.41
N ASN B 338 28.01 -24.84 -5.87
CA ASN B 338 27.73 -24.86 -7.30
C ASN B 338 27.77 -23.48 -7.92
N LEU B 339 27.72 -22.42 -7.10
CA LEU B 339 27.70 -21.06 -7.59
C LEU B 339 29.00 -20.30 -7.30
N ILE B 340 29.55 -20.44 -6.10
CA ILE B 340 30.78 -19.76 -5.72
C ILE B 340 31.66 -20.78 -5.02
N ASP B 341 32.87 -20.96 -5.55
CA ASP B 341 33.75 -21.97 -4.98
C ASP B 341 34.17 -21.56 -3.58
N LYS B 342 34.49 -22.57 -2.77
CA LYS B 342 34.85 -22.34 -1.38
C LYS B 342 36.07 -21.44 -1.26
N ARG B 343 37.01 -21.52 -2.20
CA ARG B 343 38.24 -20.72 -2.12
C ARG B 343 37.93 -19.23 -2.21
N SER B 344 36.94 -18.86 -3.04
CA SER B 344 36.58 -17.45 -3.20
C SER B 344 35.94 -16.89 -1.93
N LYS B 345 35.04 -17.65 -1.32
CA LYS B 345 34.45 -17.23 -0.05
C LYS B 345 35.52 -17.12 1.04
N GLU B 346 36.45 -18.08 1.07
CA GLU B 346 37.54 -17.98 2.02
C GLU B 346 38.39 -16.74 1.77
N PHE B 347 38.65 -16.42 0.50
CA PHE B 347 39.43 -15.22 0.21
C PHE B 347 38.69 -13.98 0.68
N LEU B 348 37.40 -13.85 0.32
CA LEU B 348 36.62 -12.70 0.79
C LEU B 348 36.59 -12.66 2.31
N THR B 349 36.39 -13.80 2.97
CA THR B 349 36.37 -13.84 4.42
C THR B 349 37.66 -13.26 5.01
N LYS B 350 38.81 -13.71 4.51
CA LYS B 350 40.08 -13.19 5.02
C LYS B 350 40.18 -11.68 4.85
N GLN B 351 39.80 -11.18 3.67
CA GLN B 351 40.01 -9.76 3.40
C GLN B 351 39.08 -8.89 4.24
N ILE B 352 37.84 -9.32 4.45
CA ILE B 352 36.92 -8.57 5.29
C ILE B 352 37.39 -8.60 6.73
N GLU B 353 37.85 -9.75 7.19
CA GLU B 353 38.35 -9.81 8.56
C GLU B 353 39.55 -8.90 8.74
N TYR B 354 40.43 -8.89 7.74
CA TYR B 354 41.55 -7.94 7.73
C TYR B 354 41.04 -6.52 7.87
N GLU B 355 40.13 -6.12 6.98
CA GLU B 355 39.61 -4.76 7.04
C GLU B 355 39.05 -4.44 8.41
N ARG B 356 38.22 -5.34 8.96
CA ARG B 356 37.54 -5.07 10.22
C ARG B 356 38.53 -4.93 11.37
N ASN B 357 39.59 -5.73 11.37
CA ASN B 357 40.57 -5.66 12.44
C ASN B 357 41.40 -4.37 12.37
N ASN B 358 41.40 -3.69 11.23
CA ASN B 358 42.28 -2.54 11.02
C ASN B 358 41.50 -1.26 10.76
N GLU B 359 40.24 -1.20 11.20
CA GLU B 359 39.38 -0.03 11.07
C GLU B 359 39.14 0.34 9.61
N PHE B 360 39.09 -0.68 8.75
CA PHE B 360 38.69 -0.60 7.35
C PHE B 360 39.57 0.36 6.56
N PRO B 361 40.86 0.02 6.37
CA PRO B 361 41.71 0.87 5.52
C PRO B 361 41.16 1.02 4.12
N VAL B 362 40.38 0.06 3.62
CA VAL B 362 39.79 0.19 2.30
C VAL B 362 38.78 1.33 2.21
N PHE B 363 38.39 1.91 3.36
CA PHE B 363 37.56 3.12 3.38
C PHE B 363 38.36 4.41 3.29
N ASP B 364 39.68 4.32 3.15
CA ASP B 364 40.51 5.53 3.09
C ASP B 364 40.96 5.81 1.66
ZN ZN C . -3.67 -2.23 17.87
C4 7XZ D . 18.70 -16.01 -7.65
C14 7XZ D . 25.21 -12.91 -11.06
C5 7XZ D . 19.37 -14.79 -7.90
C6 7XZ D . 20.77 -14.67 -8.24
C11 7XZ D . 25.13 -12.87 -8.55
C7 7XZ D . 21.63 -15.90 -8.39
C8 7XZ D . 21.30 -13.42 -8.43
C9 7XZ D . 22.73 -13.14 -8.87
C10 7XZ D . 23.86 -13.39 -7.89
C12 7XZ D . 26.51 -14.53 -9.78
C13 7XZ D . 26.42 -15.51 -8.61
N1 7XZ D . 25.55 -13.42 -9.73
C3 7XZ D . 17.37 -16.04 -7.34
C1 7XZ D . 14.65 -13.70 -6.63
C15 7XZ D . 23.94 -13.47 -11.72
C16 7XZ D . 20.48 -12.23 -8.34
C17 7XZ D . 18.60 -13.62 -7.79
C18 7XZ D . 17.27 -13.62 -7.45
C2 7XZ D . 16.65 -14.83 -7.25
O1 7XZ D . 15.33 -14.92 -6.91
O2 7XZ D . 25.76 -11.95 -8.04
O3 7XZ D . 27.39 -15.57 -7.84
O4 7XZ D . 25.38 -16.21 -8.53
O5 7XZ D . 23.80 -14.72 -11.75
O6 7XZ D . 23.14 -12.65 -12.20
O7 7XZ D . 20.86 -11.10 -8.52
O8 7XZ D . 19.16 -12.38 -8.00
ZN ZN E . 14.71 3.97 10.25
#